data_1ZJE
# 
_entry.id   1ZJE 
# 
_audit_conform.dict_name       mmcif_pdbx.dic 
_audit_conform.dict_version    5.387 
_audit_conform.dict_location   http://mmcif.pdb.org/dictionaries/ascii/mmcif_pdbx.dic 
# 
loop_
_database_2.database_id 
_database_2.database_code 
_database_2.pdbx_database_accession 
_database_2.pdbx_DOI 
PDB   1ZJE         pdb_00001zje 10.2210/pdb1zje/pdb 
NDB   AD0053       ?            ?                   
RCSB  RCSB032782   ?            ?                   
WWPDB D_1000032782 ?            ?                   
# 
loop_
_pdbx_audit_revision_history.ordinal 
_pdbx_audit_revision_history.data_content_type 
_pdbx_audit_revision_history.major_revision 
_pdbx_audit_revision_history.minor_revision 
_pdbx_audit_revision_history.revision_date 
1 'Structure model' 1 0 2005-05-10 
2 'Structure model' 1 1 2008-04-30 
3 'Structure model' 1 2 2011-07-13 
4 'Structure model' 1 3 2024-02-14 
# 
_pdbx_audit_revision_details.ordinal             1 
_pdbx_audit_revision_details.revision_ordinal    1 
_pdbx_audit_revision_details.data_content_type   'Structure model' 
_pdbx_audit_revision_details.provider            repository 
_pdbx_audit_revision_details.type                'Initial release' 
_pdbx_audit_revision_details.description         ? 
_pdbx_audit_revision_details.details             ? 
# 
loop_
_pdbx_audit_revision_group.ordinal 
_pdbx_audit_revision_group.revision_ordinal 
_pdbx_audit_revision_group.data_content_type 
_pdbx_audit_revision_group.group 
1 2 'Structure model' 'Version format compliance' 
2 3 'Structure model' 'Version format compliance' 
3 4 'Structure model' 'Data collection'           
4 4 'Structure model' 'Database references'       
# 
loop_
_pdbx_audit_revision_category.ordinal 
_pdbx_audit_revision_category.revision_ordinal 
_pdbx_audit_revision_category.data_content_type 
_pdbx_audit_revision_category.category 
1 4 'Structure model' chem_comp_atom 
2 4 'Structure model' chem_comp_bond 
3 4 'Structure model' database_2     
# 
loop_
_pdbx_audit_revision_item.ordinal 
_pdbx_audit_revision_item.revision_ordinal 
_pdbx_audit_revision_item.data_content_type 
_pdbx_audit_revision_item.item 
1 4 'Structure model' '_database_2.pdbx_DOI'                
2 4 'Structure model' '_database_2.pdbx_database_accession' 
# 
_pdbx_database_status.status_code                     REL 
_pdbx_database_status.entry_id                        1ZJE 
_pdbx_database_status.recvd_initial_deposition_date   2005-04-28 
_pdbx_database_status.deposit_site                    RCSB 
_pdbx_database_status.process_site                    RCSB 
_pdbx_database_status.status_code_sf                  ? 
_pdbx_database_status.status_code_mr                  ? 
_pdbx_database_status.SG_entry                        ? 
_pdbx_database_status.pdb_format_compatible           Y 
_pdbx_database_status.status_code_cs                  ? 
_pdbx_database_status.status_code_nmr_data            ? 
_pdbx_database_status.methods_development_category    ? 
# 
loop_
_pdbx_database_related.db_name 
_pdbx_database_related.db_id 
_pdbx_database_related.details 
_pdbx_database_related.content_type 
PDB 1ZJG 13mer-co      unspecified 
PDB 1ZJF 12mer-spd-P4N unspecified 
# 
loop_
_audit_author.name 
_audit_author.pdbx_ordinal 
'Dohm, J.A.'         1 
'Hsu, M.H.'          2 
'Hwu, J.R.'          3 
'Huang, R.C.'        4 
'Moudrianakis, E.N.' 5 
'Lattman, E.E.'      6 
'Gittis, A.G.'       7 
# 
_citation.id                        primary 
_citation.title                     
'Influence of Ions, Hydration, and the Transcriptional Inhibitor P4N on the Conformations of the Sp1 Binding Site.' 
_citation.journal_abbrev            J.Mol.Biol. 
_citation.journal_volume            349 
_citation.page_first                731 
_citation.page_last                 744 
_citation.year                      2005 
_citation.journal_id_ASTM           JMOBAK 
_citation.country                   UK 
_citation.journal_id_ISSN           0022-2836 
_citation.journal_id_CSD            0070 
_citation.book_publisher            ? 
_citation.pdbx_database_id_PubMed   15896803 
_citation.pdbx_database_id_DOI      10.1016/j.jmb.2005.04.001 
# 
loop_
_citation_author.citation_id 
_citation_author.name 
_citation_author.ordinal 
_citation_author.identifier_ORCID 
primary 'Dohm, J.A.'         1 ? 
primary 'Hsu, M.H.'          2 ? 
primary 'Hwu, J.R.'          3 ? 
primary 'Huang, R.C.'        4 ? 
primary 'Moudrianakis, E.N.' 5 ? 
primary 'Lattman, E.E.'      6 ? 
primary 'Gittis, A.G.'       7 ? 
# 
loop_
_entity.id 
_entity.type 
_entity.src_method 
_entity.pdbx_description 
_entity.formula_weight 
_entity.pdbx_number_of_molecules 
_entity.pdbx_ec 
_entity.pdbx_mutation 
_entity.pdbx_fragment 
_entity.details 
1 polymer syn "5'-D(*AP*GP*GP*GP*GP*CP*GP*GP*GP*GP*CP*T)-3'" 3784.452 1  ? ? ? ? 
2 polymer syn "5'-D(*TP*AP*GP*CP*CP*CP*CP*GP*CP*CP*CP*C)-3'" 3544.308 1  ? ? ? ? 
3 water   nat water                                          18.015   30 ? ? ? ? 
# 
loop_
_entity_poly.entity_id 
_entity_poly.type 
_entity_poly.nstd_linkage 
_entity_poly.nstd_monomer 
_entity_poly.pdbx_seq_one_letter_code 
_entity_poly.pdbx_seq_one_letter_code_can 
_entity_poly.pdbx_strand_id 
_entity_poly.pdbx_target_identifier 
1 polydeoxyribonucleotide no no '(DA)(DG)(DG)(DG)(DG)(DC)(DG)(DG)(DG)(DG)(DC)(DT)' AGGGGCGGGGCT A ? 
2 polydeoxyribonucleotide no no '(DT)(DA)(DG)(DC)(DC)(DC)(DC)(DG)(DC)(DC)(DC)(DC)' TAGCCCCGCCCC B ? 
# 
_pdbx_entity_nonpoly.entity_id   3 
_pdbx_entity_nonpoly.name        water 
_pdbx_entity_nonpoly.comp_id     HOH 
# 
loop_
_entity_poly_seq.entity_id 
_entity_poly_seq.num 
_entity_poly_seq.mon_id 
_entity_poly_seq.hetero 
1 1  DA n 
1 2  DG n 
1 3  DG n 
1 4  DG n 
1 5  DG n 
1 6  DC n 
1 7  DG n 
1 8  DG n 
1 9  DG n 
1 10 DG n 
1 11 DC n 
1 12 DT n 
2 1  DT n 
2 2  DA n 
2 3  DG n 
2 4  DC n 
2 5  DC n 
2 6  DC n 
2 7  DC n 
2 8  DG n 
2 9  DC n 
2 10 DC n 
2 11 DC n 
2 12 DC n 
# 
loop_
_pdbx_entity_src_syn.entity_id 
_pdbx_entity_src_syn.pdbx_src_id 
_pdbx_entity_src_syn.pdbx_alt_source_flag 
_pdbx_entity_src_syn.pdbx_beg_seq_num 
_pdbx_entity_src_syn.pdbx_end_seq_num 
_pdbx_entity_src_syn.organism_scientific 
_pdbx_entity_src_syn.organism_common_name 
_pdbx_entity_src_syn.ncbi_taxonomy_id 
_pdbx_entity_src_syn.details 
1 1 sample ? ? ? ? ? 'Ordered from Biosource' 
2 1 sample ? ? ? ? ? 'Ordered from Biosource' 
# 
loop_
_chem_comp.id 
_chem_comp.type 
_chem_comp.mon_nstd_flag 
_chem_comp.name 
_chem_comp.pdbx_synonyms 
_chem_comp.formula 
_chem_comp.formula_weight 
DA  'DNA linking' y "2'-DEOXYADENOSINE-5'-MONOPHOSPHATE" ? 'C10 H14 N5 O6 P' 331.222 
DC  'DNA linking' y "2'-DEOXYCYTIDINE-5'-MONOPHOSPHATE"  ? 'C9 H14 N3 O7 P'  307.197 
DG  'DNA linking' y "2'-DEOXYGUANOSINE-5'-MONOPHOSPHATE" ? 'C10 H14 N5 O7 P' 347.221 
DT  'DNA linking' y "THYMIDINE-5'-MONOPHOSPHATE"         ? 'C10 H15 N2 O8 P' 322.208 
HOH non-polymer   . WATER                                ? 'H2 O'            18.015  
# 
loop_
_pdbx_poly_seq_scheme.asym_id 
_pdbx_poly_seq_scheme.entity_id 
_pdbx_poly_seq_scheme.seq_id 
_pdbx_poly_seq_scheme.mon_id 
_pdbx_poly_seq_scheme.ndb_seq_num 
_pdbx_poly_seq_scheme.pdb_seq_num 
_pdbx_poly_seq_scheme.auth_seq_num 
_pdbx_poly_seq_scheme.pdb_mon_id 
_pdbx_poly_seq_scheme.auth_mon_id 
_pdbx_poly_seq_scheme.pdb_strand_id 
_pdbx_poly_seq_scheme.pdb_ins_code 
_pdbx_poly_seq_scheme.hetero 
A 1 1  DA 1  1  1  DA A A . n 
A 1 2  DG 2  2  2  DG G A . n 
A 1 3  DG 3  3  3  DG G A . n 
A 1 4  DG 4  4  4  DG G A . n 
A 1 5  DG 5  5  5  DG G A . n 
A 1 6  DC 6  6  6  DC C A . n 
A 1 7  DG 7  7  7  DG G A . n 
A 1 8  DG 8  8  8  DG G A . n 
A 1 9  DG 9  9  9  DG G A . n 
A 1 10 DG 10 10 10 DG G A . n 
A 1 11 DC 11 11 11 DC C A . n 
A 1 12 DT 12 12 12 DT T A . n 
B 2 1  DT 1  13 13 DT T B . n 
B 2 2  DA 2  14 14 DA A B . n 
B 2 3  DG 3  15 15 DG G B . n 
B 2 4  DC 4  16 16 DC C B . n 
B 2 5  DC 5  17 17 DC C B . n 
B 2 6  DC 6  18 18 DC C B . n 
B 2 7  DC 7  19 19 DC C B . n 
B 2 8  DG 8  20 20 DG G B . n 
B 2 9  DC 9  21 21 DC C B . n 
B 2 10 DC 10 22 22 DC C B . n 
B 2 11 DC 11 23 23 DC C B . n 
B 2 12 DC 12 24 24 DC C B . n 
# 
loop_
_pdbx_nonpoly_scheme.asym_id 
_pdbx_nonpoly_scheme.entity_id 
_pdbx_nonpoly_scheme.mon_id 
_pdbx_nonpoly_scheme.ndb_seq_num 
_pdbx_nonpoly_scheme.pdb_seq_num 
_pdbx_nonpoly_scheme.auth_seq_num 
_pdbx_nonpoly_scheme.pdb_mon_id 
_pdbx_nonpoly_scheme.auth_mon_id 
_pdbx_nonpoly_scheme.pdb_strand_id 
_pdbx_nonpoly_scheme.pdb_ins_code 
C 3 HOH 1  101 101 HOH HOH A . 
C 3 HOH 2  104 104 HOH HOH A . 
C 3 HOH 3  105 105 HOH HOH A . 
C 3 HOH 4  106 106 HOH HOH A . 
C 3 HOH 5  109 109 HOH HOH A . 
C 3 HOH 6  110 110 HOH HOH A . 
C 3 HOH 7  111 111 HOH HOH A . 
C 3 HOH 8  112 112 HOH HOH A . 
C 3 HOH 9  113 113 HOH HOH A . 
C 3 HOH 10 115 115 HOH HOH A . 
C 3 HOH 11 116 116 HOH HOH A . 
C 3 HOH 12 118 118 HOH HOH A . 
C 3 HOH 13 121 121 HOH HOH A . 
C 3 HOH 14 122 122 HOH HOH A . 
C 3 HOH 15 123 123 HOH HOH A . 
C 3 HOH 16 124 124 HOH HOH A . 
C 3 HOH 17 125 125 HOH HOH A . 
C 3 HOH 18 126 126 HOH HOH A . 
D 3 HOH 1  102 102 HOH HOH B . 
D 3 HOH 2  103 103 HOH HOH B . 
D 3 HOH 3  107 107 HOH HOH B . 
D 3 HOH 4  108 108 HOH HOH B . 
D 3 HOH 5  114 114 HOH HOH B . 
D 3 HOH 6  117 117 HOH HOH B . 
D 3 HOH 7  119 119 HOH HOH B . 
D 3 HOH 8  120 120 HOH HOH B . 
D 3 HOH 9  127 127 HOH HOH B . 
D 3 HOH 10 128 128 HOH HOH B . 
D 3 HOH 11 129 129 HOH HOH B . 
D 3 HOH 12 130 130 HOH HOH B . 
# 
loop_
_software.name 
_software.classification 
_software.version 
_software.citation_id 
_software.pdbx_ordinal 
HKL-2000  'data collection' . ? 1 
SCALEPACK 'data scaling'    . ? 2 
AMoRE     phasing           . ? 3 
CNS       refinement        . ? 4 
HKL-2000  'data reduction'  . ? 5 
# 
_cell.entry_id           1ZJE 
_cell.length_a           33.541 
_cell.length_b           39.687 
_cell.length_c           42.166 
_cell.angle_alpha        90.00 
_cell.angle_beta         90.00 
_cell.angle_gamma        90.00 
_cell.Z_PDB              4 
_cell.pdbx_unique_axis   ? 
# 
_symmetry.entry_id                         1ZJE 
_symmetry.space_group_name_H-M             'P 21 21 21' 
_symmetry.pdbx_full_space_group_name_H-M   ? 
_symmetry.cell_setting                     ? 
_symmetry.Int_Tables_number                19 
_symmetry.space_group_name_Hall            ? 
# 
_exptl.entry_id          1ZJE 
_exptl.method            'X-RAY DIFFRACTION' 
_exptl.crystals_number   1 
# 
_exptl_crystal.id                    1 
_exptl_crystal.density_meas          ? 
_exptl_crystal.density_Matthews      1.77 
_exptl_crystal.density_percent_sol   56 
_exptl_crystal.description           ? 
_exptl_crystal.F_000                 ? 
_exptl_crystal.preparation           ? 
# 
_exptl_crystal_grow.crystal_id      1 
_exptl_crystal_grow.method          'VAPOR DIFFUSION, HANGING DROP' 
_exptl_crystal_grow.temp            298 
_exptl_crystal_grow.temp_details    ? 
_exptl_crystal_grow.pH              7 
_exptl_crystal_grow.pdbx_details    
'PEG 400, bis tris propane, spermidine, sodium chloride, pH 7, VAPOR DIFFUSION, HANGING DROP, temperature 298K' 
_exptl_crystal_grow.pdbx_pH_range   . 
# 
_diffrn.id                     1 
_diffrn.ambient_temp           ? 
_diffrn.ambient_temp_details   ? 
_diffrn.crystal_id             1 
# 
_diffrn_radiation.diffrn_id                        1 
_diffrn_radiation.wavelength_id                    1 
_diffrn_radiation.pdbx_monochromatic_or_laue_m_l   M 
_diffrn_radiation.monochromator                    ? 
_diffrn_radiation.pdbx_diffrn_protocol             'SINGLE WAVELENGTH' 
_diffrn_radiation.pdbx_scattering_type             x-ray 
# 
_diffrn_radiation_wavelength.id           1 
_diffrn_radiation_wavelength.wavelength   1.0 
_diffrn_radiation_wavelength.wt           1.0 
# 
_diffrn_source.diffrn_id                   1 
_diffrn_source.source                      SYNCHROTRON 
_diffrn_source.type                        'CHESS BEAMLINE F2' 
_diffrn_source.pdbx_synchrotron_site       CHESS 
_diffrn_source.pdbx_synchrotron_beamline   F2 
_diffrn_source.pdbx_wavelength             ? 
_diffrn_source.pdbx_wavelength_list        1.0 
# 
_reflns.entry_id                     1ZJE 
_reflns.observed_criterion_sigma_F   3.0 
_reflns.observed_criterion_sigma_I   3.0 
_reflns.d_resolution_high            2.0 
_reflns.d_resolution_low             35.0 
_reflns.number_all                   4103 
_reflns.number_obs                   3935 
_reflns.percent_possible_obs         95.9 
_reflns.pdbx_Rmerge_I_obs            ? 
_reflns.pdbx_Rsym_value              ? 
_reflns.pdbx_netI_over_sigmaI        ? 
_reflns.B_iso_Wilson_estimate        ? 
_reflns.pdbx_redundancy              ? 
_reflns.R_free_details               ? 
_reflns.pdbx_chi_squared             ? 
_reflns.pdbx_scaling_rejects         ? 
_reflns.pdbx_diffrn_id               1 
_reflns.pdbx_ordinal                 1 
# 
_reflns_shell.d_res_high             2.0 
_reflns_shell.d_res_low              2.07 
_reflns_shell.percent_possible_all   88.2 
_reflns_shell.Rmerge_I_obs           ? 
_reflns_shell.pdbx_Rsym_value        ? 
_reflns_shell.meanI_over_sigI_obs    ? 
_reflns_shell.pdbx_redundancy        ? 
_reflns_shell.percent_possible_obs   ? 
_reflns_shell.number_unique_all      ? 
_reflns_shell.number_measured_all    ? 
_reflns_shell.number_measured_obs    ? 
_reflns_shell.number_unique_obs      ? 
_reflns_shell.pdbx_chi_squared       ? 
_reflns_shell.pdbx_diffrn_id         ? 
_reflns_shell.pdbx_ordinal           1 
# 
_refine.entry_id                                 1ZJE 
_refine.ls_d_res_high                            2.1 
_refine.ls_d_res_low                             15.0 
_refine.pdbx_ls_sigma_F                          0.0 
_refine.pdbx_ls_sigma_I                          ? 
_refine.ls_number_reflns_all                     3527 
_refine.ls_number_reflns_obs                     3394 
_refine.ls_number_reflns_R_free                  278 
_refine.ls_percent_reflns_obs                    ? 
_refine.ls_R_factor_all                          0.2167 
_refine.ls_R_factor_obs                          0.2117 
_refine.ls_R_factor_R_work                       0.2168 
_refine.ls_R_factor_R_free                       0.2561 
_refine.ls_redundancy_reflns_obs                 ? 
_refine.pdbx_data_cutoff_high_absF               ? 
_refine.pdbx_data_cutoff_low_absF                ? 
_refine.ls_number_parameters                     ? 
_refine.ls_number_restraints                     ? 
_refine.ls_percent_reflns_R_free                 ? 
_refine.ls_R_factor_R_free_error                 ? 
_refine.ls_R_factor_R_free_error_details         ? 
_refine.pdbx_method_to_determine_struct          'MOLECULAR REPLACEMENT' 
_refine.pdbx_starting_model                      ? 
_refine.pdbx_ls_cross_valid_method               ? 
_refine.pdbx_R_Free_selection_details            RANDOM 
_refine.pdbx_stereochem_target_val_spec_case     ? 
_refine.pdbx_stereochemistry_target_values       'CNS nucleic acid files' 
_refine.solvent_model_details                    ? 
_refine.solvent_model_param_bsol                 ? 
_refine.solvent_model_param_ksol                 ? 
_refine.occupancy_max                            ? 
_refine.occupancy_min                            ? 
_refine.pdbx_isotropic_thermal_model             ? 
_refine.B_iso_mean                               ? 
_refine.aniso_B[1][1]                            ? 
_refine.aniso_B[1][2]                            ? 
_refine.aniso_B[1][3]                            ? 
_refine.aniso_B[2][2]                            ? 
_refine.aniso_B[2][3]                            ? 
_refine.aniso_B[3][3]                            ? 
_refine.details                                  
;12mer-spd was grown in the presence of spermidine, but no
spermidine molecules were visualized in the maps.
;
_refine.correlation_coeff_Fo_to_Fc               ? 
_refine.correlation_coeff_Fo_to_Fc_free          ? 
_refine.pdbx_solvent_vdw_probe_radii             ? 
_refine.pdbx_solvent_ion_probe_radii             ? 
_refine.pdbx_solvent_shrinkage_radii             ? 
_refine.overall_SU_R_Cruickshank_DPI             ? 
_refine.overall_SU_R_free                        ? 
_refine.overall_SU_ML                            ? 
_refine.overall_SU_B                             ? 
_refine.pdbx_overall_ESU_R_Free                  ? 
_refine.pdbx_data_cutoff_high_rms_absF           ? 
_refine.pdbx_overall_ESU_R                       ? 
_refine.ls_wR_factor_R_free                      ? 
_refine.ls_wR_factor_R_work                      ? 
_refine.overall_FOM_free_R_set                   ? 
_refine.overall_FOM_work_R_set                   ? 
_refine.pdbx_refine_id                           'X-RAY DIFFRACTION' 
_refine.pdbx_diffrn_id                           1 
_refine.pdbx_TLS_residual_ADP_flag               ? 
_refine.pdbx_overall_phase_error                 ? 
_refine.pdbx_overall_SU_R_free_Cruickshank_DPI   ? 
_refine.pdbx_overall_SU_R_Blow_DPI               ? 
_refine.pdbx_overall_SU_R_free_Blow_DPI          ? 
# 
_refine_hist.pdbx_refine_id                   'X-RAY DIFFRACTION' 
_refine_hist.cycle_id                         LAST 
_refine_hist.pdbx_number_atoms_protein        0 
_refine_hist.pdbx_number_atoms_nucleic_acid   486 
_refine_hist.pdbx_number_atoms_ligand         0 
_refine_hist.number_atoms_solvent             30 
_refine_hist.number_atoms_total               516 
_refine_hist.d_res_high                       2.1 
_refine_hist.d_res_low                        15.0 
# 
_struct.entry_id                  1ZJE 
_struct.title                     12mer-spd 
_struct.pdbx_model_details        ? 
_struct.pdbx_CASP_flag            ? 
_struct.pdbx_model_type_details   ? 
# 
_struct_keywords.entry_id        1ZJE 
_struct_keywords.pdbx_keywords   DNA 
_struct_keywords.text            'flipped-out base, A-DNA, DNA' 
# 
loop_
_struct_asym.id 
_struct_asym.pdbx_blank_PDB_chainid_flag 
_struct_asym.pdbx_modified 
_struct_asym.entity_id 
_struct_asym.details 
A N N 1 ? 
B N N 2 ? 
C N N 3 ? 
D N N 3 ? 
# 
loop_
_struct_ref.id 
_struct_ref.entity_id 
_struct_ref.db_name 
_struct_ref.db_code 
_struct_ref.pdbx_db_accession 
_struct_ref.pdbx_db_isoform 
_struct_ref.pdbx_seq_one_letter_code 
_struct_ref.pdbx_align_begin 
1 1 PDB 1ZJE 1ZJE ? ? ? 
2 2 PDB 1ZJE 1ZJE ? ? ? 
# 
loop_
_struct_ref_seq.align_id 
_struct_ref_seq.ref_id 
_struct_ref_seq.pdbx_PDB_id_code 
_struct_ref_seq.pdbx_strand_id 
_struct_ref_seq.seq_align_beg 
_struct_ref_seq.pdbx_seq_align_beg_ins_code 
_struct_ref_seq.seq_align_end 
_struct_ref_seq.pdbx_seq_align_end_ins_code 
_struct_ref_seq.pdbx_db_accession 
_struct_ref_seq.db_align_beg 
_struct_ref_seq.pdbx_db_align_beg_ins_code 
_struct_ref_seq.db_align_end 
_struct_ref_seq.pdbx_db_align_end_ins_code 
_struct_ref_seq.pdbx_auth_seq_align_beg 
_struct_ref_seq.pdbx_auth_seq_align_end 
1 1 1ZJE A 1 ? 12 ? 1ZJE 1  ? 12 ? 1  12 
2 2 1ZJE B 1 ? 12 ? 1ZJE 13 ? 24 ? 13 24 
# 
_pdbx_struct_assembly.id                   1 
_pdbx_struct_assembly.details              author_defined_assembly 
_pdbx_struct_assembly.method_details       ? 
_pdbx_struct_assembly.oligomeric_details   dimeric 
_pdbx_struct_assembly.oligomeric_count     2 
# 
_pdbx_struct_assembly_gen.assembly_id       1 
_pdbx_struct_assembly_gen.oper_expression   1 
_pdbx_struct_assembly_gen.asym_id_list      A,B,C,D 
# 
_pdbx_struct_oper_list.id                   1 
_pdbx_struct_oper_list.type                 'identity operation' 
_pdbx_struct_oper_list.name                 1_555 
_pdbx_struct_oper_list.symmetry_operation   x,y,z 
_pdbx_struct_oper_list.matrix[1][1]         1.0000000000 
_pdbx_struct_oper_list.matrix[1][2]         0.0000000000 
_pdbx_struct_oper_list.matrix[1][3]         0.0000000000 
_pdbx_struct_oper_list.vector[1]            0.0000000000 
_pdbx_struct_oper_list.matrix[2][1]         0.0000000000 
_pdbx_struct_oper_list.matrix[2][2]         1.0000000000 
_pdbx_struct_oper_list.matrix[2][3]         0.0000000000 
_pdbx_struct_oper_list.vector[2]            0.0000000000 
_pdbx_struct_oper_list.matrix[3][1]         0.0000000000 
_pdbx_struct_oper_list.matrix[3][2]         0.0000000000 
_pdbx_struct_oper_list.matrix[3][3]         1.0000000000 
_pdbx_struct_oper_list.vector[3]            0.0000000000 
# 
_struct_biol.id                    1 
_struct_biol.pdbx_parent_biol_id   ? 
_struct_biol.details               ? 
# 
loop_
_struct_conn.id 
_struct_conn.conn_type_id 
_struct_conn.pdbx_leaving_atom_flag 
_struct_conn.pdbx_PDB_id 
_struct_conn.ptnr1_label_asym_id 
_struct_conn.ptnr1_label_comp_id 
_struct_conn.ptnr1_label_seq_id 
_struct_conn.ptnr1_label_atom_id 
_struct_conn.pdbx_ptnr1_label_alt_id 
_struct_conn.pdbx_ptnr1_PDB_ins_code 
_struct_conn.pdbx_ptnr1_standard_comp_id 
_struct_conn.ptnr1_symmetry 
_struct_conn.ptnr2_label_asym_id 
_struct_conn.ptnr2_label_comp_id 
_struct_conn.ptnr2_label_seq_id 
_struct_conn.ptnr2_label_atom_id 
_struct_conn.pdbx_ptnr2_label_alt_id 
_struct_conn.pdbx_ptnr2_PDB_ins_code 
_struct_conn.ptnr1_auth_asym_id 
_struct_conn.ptnr1_auth_comp_id 
_struct_conn.ptnr1_auth_seq_id 
_struct_conn.ptnr2_auth_asym_id 
_struct_conn.ptnr2_auth_comp_id 
_struct_conn.ptnr2_auth_seq_id 
_struct_conn.ptnr2_symmetry 
_struct_conn.pdbx_ptnr3_label_atom_id 
_struct_conn.pdbx_ptnr3_label_seq_id 
_struct_conn.pdbx_ptnr3_label_comp_id 
_struct_conn.pdbx_ptnr3_label_asym_id 
_struct_conn.pdbx_ptnr3_label_alt_id 
_struct_conn.pdbx_ptnr3_PDB_ins_code 
_struct_conn.details 
_struct_conn.pdbx_dist_value 
_struct_conn.pdbx_value_order 
_struct_conn.pdbx_role 
hydrog1  hydrog ? ? A DG 2  N1 ? ? ? 1_555 B DC 12 N3 ? ? A DG 2  B DC 24 1_555 ? ? ? ? ? ? WATSON-CRICK ? ? ? 
hydrog2  hydrog ? ? A DG 2  N2 ? ? ? 1_555 B DC 12 O2 ? ? A DG 2  B DC 24 1_555 ? ? ? ? ? ? WATSON-CRICK ? ? ? 
hydrog3  hydrog ? ? A DG 2  O6 ? ? ? 1_555 B DC 12 N4 ? ? A DG 2  B DC 24 1_555 ? ? ? ? ? ? WATSON-CRICK ? ? ? 
hydrog4  hydrog ? ? A DG 3  N1 ? ? ? 1_555 B DC 11 N3 ? ? A DG 3  B DC 23 1_555 ? ? ? ? ? ? WATSON-CRICK ? ? ? 
hydrog5  hydrog ? ? A DG 3  N2 ? ? ? 1_555 B DC 11 O2 ? ? A DG 3  B DC 23 1_555 ? ? ? ? ? ? WATSON-CRICK ? ? ? 
hydrog6  hydrog ? ? A DG 3  O6 ? ? ? 1_555 B DC 11 N4 ? ? A DG 3  B DC 23 1_555 ? ? ? ? ? ? WATSON-CRICK ? ? ? 
hydrog7  hydrog ? ? A DG 4  N1 ? ? ? 1_555 B DC 10 N3 ? ? A DG 4  B DC 22 1_555 ? ? ? ? ? ? WATSON-CRICK ? ? ? 
hydrog8  hydrog ? ? A DG 4  N2 ? ? ? 1_555 B DC 10 O2 ? ? A DG 4  B DC 22 1_555 ? ? ? ? ? ? WATSON-CRICK ? ? ? 
hydrog9  hydrog ? ? A DG 4  O6 ? ? ? 1_555 B DC 10 N4 ? ? A DG 4  B DC 22 1_555 ? ? ? ? ? ? WATSON-CRICK ? ? ? 
hydrog10 hydrog ? ? A DG 5  N1 ? ? ? 1_555 B DC 9  N3 ? ? A DG 5  B DC 21 1_555 ? ? ? ? ? ? WATSON-CRICK ? ? ? 
hydrog11 hydrog ? ? A DG 5  N2 ? ? ? 1_555 B DC 9  O2 ? ? A DG 5  B DC 21 1_555 ? ? ? ? ? ? WATSON-CRICK ? ? ? 
hydrog12 hydrog ? ? A DG 5  O6 ? ? ? 1_555 B DC 9  N4 ? ? A DG 5  B DC 21 1_555 ? ? ? ? ? ? WATSON-CRICK ? ? ? 
hydrog13 hydrog ? ? A DC 6  N3 ? ? ? 1_555 B DG 8  N1 ? ? A DC 6  B DG 20 1_555 ? ? ? ? ? ? WATSON-CRICK ? ? ? 
hydrog14 hydrog ? ? A DC 6  N4 ? ? ? 1_555 B DG 8  O6 ? ? A DC 6  B DG 20 1_555 ? ? ? ? ? ? WATSON-CRICK ? ? ? 
hydrog15 hydrog ? ? A DC 6  O2 ? ? ? 1_555 B DG 8  N2 ? ? A DC 6  B DG 20 1_555 ? ? ? ? ? ? WATSON-CRICK ? ? ? 
hydrog16 hydrog ? ? A DG 7  N1 ? ? ? 1_555 B DC 7  N3 ? ? A DG 7  B DC 19 1_555 ? ? ? ? ? ? WATSON-CRICK ? ? ? 
hydrog17 hydrog ? ? A DG 7  N2 ? ? ? 1_555 B DC 7  O2 ? ? A DG 7  B DC 19 1_555 ? ? ? ? ? ? WATSON-CRICK ? ? ? 
hydrog18 hydrog ? ? A DG 7  O6 ? ? ? 1_555 B DC 7  N4 ? ? A DG 7  B DC 19 1_555 ? ? ? ? ? ? WATSON-CRICK ? ? ? 
hydrog19 hydrog ? ? A DG 8  N1 ? ? ? 1_555 B DC 6  N3 ? ? A DG 8  B DC 18 1_555 ? ? ? ? ? ? WATSON-CRICK ? ? ? 
hydrog20 hydrog ? ? A DG 8  N2 ? ? ? 1_555 B DC 6  O2 ? ? A DG 8  B DC 18 1_555 ? ? ? ? ? ? WATSON-CRICK ? ? ? 
hydrog21 hydrog ? ? A DG 8  O6 ? ? ? 1_555 B DC 6  N4 ? ? A DG 8  B DC 18 1_555 ? ? ? ? ? ? WATSON-CRICK ? ? ? 
hydrog22 hydrog ? ? A DG 9  N1 ? ? ? 1_555 B DC 5  N3 ? ? A DG 9  B DC 17 1_555 ? ? ? ? ? ? WATSON-CRICK ? ? ? 
hydrog23 hydrog ? ? A DG 9  N2 ? ? ? 1_555 B DC 5  O2 ? ? A DG 9  B DC 17 1_555 ? ? ? ? ? ? WATSON-CRICK ? ? ? 
hydrog24 hydrog ? ? A DG 9  O6 ? ? ? 1_555 B DC 5  N4 ? ? A DG 9  B DC 17 1_555 ? ? ? ? ? ? WATSON-CRICK ? ? ? 
hydrog25 hydrog ? ? A DG 10 N1 ? ? ? 1_555 B DC 4  N3 ? ? A DG 10 B DC 16 1_555 ? ? ? ? ? ? WATSON-CRICK ? ? ? 
hydrog26 hydrog ? ? A DG 10 N2 ? ? ? 1_555 B DC 4  O2 ? ? A DG 10 B DC 16 1_555 ? ? ? ? ? ? WATSON-CRICK ? ? ? 
hydrog27 hydrog ? ? A DG 10 O6 ? ? ? 1_555 B DC 4  N4 ? ? A DG 10 B DC 16 1_555 ? ? ? ? ? ? WATSON-CRICK ? ? ? 
hydrog28 hydrog ? ? A DC 11 N3 ? ? ? 1_555 B DG 3  N1 ? ? A DC 11 B DG 15 1_555 ? ? ? ? ? ? WATSON-CRICK ? ? ? 
hydrog29 hydrog ? ? A DC 11 N4 ? ? ? 1_555 B DG 3  O6 ? ? A DC 11 B DG 15 1_555 ? ? ? ? ? ? WATSON-CRICK ? ? ? 
hydrog30 hydrog ? ? A DC 11 O2 ? ? ? 1_555 B DG 3  N2 ? ? A DC 11 B DG 15 1_555 ? ? ? ? ? ? WATSON-CRICK ? ? ? 
hydrog31 hydrog ? ? A DT 12 N3 ? ? ? 1_555 B DA 2  N1 ? ? A DT 12 B DA 14 1_555 ? ? ? ? ? ? WATSON-CRICK ? ? ? 
hydrog32 hydrog ? ? A DT 12 O4 ? ? ? 1_555 B DA 2  N6 ? ? A DT 12 B DA 14 1_555 ? ? ? ? ? ? WATSON-CRICK ? ? ? 
# 
_struct_conn_type.id          hydrog 
_struct_conn_type.criteria    ? 
_struct_conn_type.reference   ? 
# 
loop_
_pdbx_validate_rmsd_angle.id 
_pdbx_validate_rmsd_angle.PDB_model_num 
_pdbx_validate_rmsd_angle.auth_atom_id_1 
_pdbx_validate_rmsd_angle.auth_asym_id_1 
_pdbx_validate_rmsd_angle.auth_comp_id_1 
_pdbx_validate_rmsd_angle.auth_seq_id_1 
_pdbx_validate_rmsd_angle.PDB_ins_code_1 
_pdbx_validate_rmsd_angle.label_alt_id_1 
_pdbx_validate_rmsd_angle.auth_atom_id_2 
_pdbx_validate_rmsd_angle.auth_asym_id_2 
_pdbx_validate_rmsd_angle.auth_comp_id_2 
_pdbx_validate_rmsd_angle.auth_seq_id_2 
_pdbx_validate_rmsd_angle.PDB_ins_code_2 
_pdbx_validate_rmsd_angle.label_alt_id_2 
_pdbx_validate_rmsd_angle.auth_atom_id_3 
_pdbx_validate_rmsd_angle.auth_asym_id_3 
_pdbx_validate_rmsd_angle.auth_comp_id_3 
_pdbx_validate_rmsd_angle.auth_seq_id_3 
_pdbx_validate_rmsd_angle.PDB_ins_code_3 
_pdbx_validate_rmsd_angle.label_alt_id_3 
_pdbx_validate_rmsd_angle.angle_value 
_pdbx_validate_rmsd_angle.angle_target_value 
_pdbx_validate_rmsd_angle.angle_deviation 
_pdbx_validate_rmsd_angle.angle_standard_deviation 
_pdbx_validate_rmsd_angle.linker_flag 
1 1 "O4'" A DG 4  ? ? "C4'" A DG 4  ? ? "C3'" A DG 4  ? ? 101.32 104.50 -3.18 0.40 N 
2 1 "O4'" A DG 4  ? ? "C1'" A DG 4  ? ? N9    A DG 4  ? ? 110.93 108.30 2.63  0.30 N 
3 1 "O4'" A DG 10 ? ? "C4'" A DG 10 ? ? "C3'" A DG 10 ? ? 101.56 104.50 -2.94 0.40 N 
4 1 "O4'" A DG 10 ? ? "C1'" A DG 10 ? ? N9    A DG 10 ? ? 110.15 108.30 1.85  0.30 N 
5 1 "O4'" B DG 15 ? ? "C1'" B DG 15 ? ? N9    B DG 15 ? ? 110.49 108.30 2.19  0.30 N 
# 
loop_
_chem_comp_atom.comp_id 
_chem_comp_atom.atom_id 
_chem_comp_atom.type_symbol 
_chem_comp_atom.pdbx_aromatic_flag 
_chem_comp_atom.pdbx_stereo_config 
_chem_comp_atom.pdbx_ordinal 
DA  OP3    O N N 1   
DA  P      P N N 2   
DA  OP1    O N N 3   
DA  OP2    O N N 4   
DA  "O5'"  O N N 5   
DA  "C5'"  C N N 6   
DA  "C4'"  C N R 7   
DA  "O4'"  O N N 8   
DA  "C3'"  C N S 9   
DA  "O3'"  O N N 10  
DA  "C2'"  C N N 11  
DA  "C1'"  C N R 12  
DA  N9     N Y N 13  
DA  C8     C Y N 14  
DA  N7     N Y N 15  
DA  C5     C Y N 16  
DA  C6     C Y N 17  
DA  N6     N N N 18  
DA  N1     N Y N 19  
DA  C2     C Y N 20  
DA  N3     N Y N 21  
DA  C4     C Y N 22  
DA  HOP3   H N N 23  
DA  HOP2   H N N 24  
DA  "H5'"  H N N 25  
DA  "H5''" H N N 26  
DA  "H4'"  H N N 27  
DA  "H3'"  H N N 28  
DA  "HO3'" H N N 29  
DA  "H2'"  H N N 30  
DA  "H2''" H N N 31  
DA  "H1'"  H N N 32  
DA  H8     H N N 33  
DA  H61    H N N 34  
DA  H62    H N N 35  
DA  H2     H N N 36  
DC  OP3    O N N 37  
DC  P      P N N 38  
DC  OP1    O N N 39  
DC  OP2    O N N 40  
DC  "O5'"  O N N 41  
DC  "C5'"  C N N 42  
DC  "C4'"  C N R 43  
DC  "O4'"  O N N 44  
DC  "C3'"  C N S 45  
DC  "O3'"  O N N 46  
DC  "C2'"  C N N 47  
DC  "C1'"  C N R 48  
DC  N1     N N N 49  
DC  C2     C N N 50  
DC  O2     O N N 51  
DC  N3     N N N 52  
DC  C4     C N N 53  
DC  N4     N N N 54  
DC  C5     C N N 55  
DC  C6     C N N 56  
DC  HOP3   H N N 57  
DC  HOP2   H N N 58  
DC  "H5'"  H N N 59  
DC  "H5''" H N N 60  
DC  "H4'"  H N N 61  
DC  "H3'"  H N N 62  
DC  "HO3'" H N N 63  
DC  "H2'"  H N N 64  
DC  "H2''" H N N 65  
DC  "H1'"  H N N 66  
DC  H41    H N N 67  
DC  H42    H N N 68  
DC  H5     H N N 69  
DC  H6     H N N 70  
DG  OP3    O N N 71  
DG  P      P N N 72  
DG  OP1    O N N 73  
DG  OP2    O N N 74  
DG  "O5'"  O N N 75  
DG  "C5'"  C N N 76  
DG  "C4'"  C N R 77  
DG  "O4'"  O N N 78  
DG  "C3'"  C N S 79  
DG  "O3'"  O N N 80  
DG  "C2'"  C N N 81  
DG  "C1'"  C N R 82  
DG  N9     N Y N 83  
DG  C8     C Y N 84  
DG  N7     N Y N 85  
DG  C5     C Y N 86  
DG  C6     C N N 87  
DG  O6     O N N 88  
DG  N1     N N N 89  
DG  C2     C N N 90  
DG  N2     N N N 91  
DG  N3     N N N 92  
DG  C4     C Y N 93  
DG  HOP3   H N N 94  
DG  HOP2   H N N 95  
DG  "H5'"  H N N 96  
DG  "H5''" H N N 97  
DG  "H4'"  H N N 98  
DG  "H3'"  H N N 99  
DG  "HO3'" H N N 100 
DG  "H2'"  H N N 101 
DG  "H2''" H N N 102 
DG  "H1'"  H N N 103 
DG  H8     H N N 104 
DG  H1     H N N 105 
DG  H21    H N N 106 
DG  H22    H N N 107 
DT  OP3    O N N 108 
DT  P      P N N 109 
DT  OP1    O N N 110 
DT  OP2    O N N 111 
DT  "O5'"  O N N 112 
DT  "C5'"  C N N 113 
DT  "C4'"  C N R 114 
DT  "O4'"  O N N 115 
DT  "C3'"  C N S 116 
DT  "O3'"  O N N 117 
DT  "C2'"  C N N 118 
DT  "C1'"  C N R 119 
DT  N1     N N N 120 
DT  C2     C N N 121 
DT  O2     O N N 122 
DT  N3     N N N 123 
DT  C4     C N N 124 
DT  O4     O N N 125 
DT  C5     C N N 126 
DT  C7     C N N 127 
DT  C6     C N N 128 
DT  HOP3   H N N 129 
DT  HOP2   H N N 130 
DT  "H5'"  H N N 131 
DT  "H5''" H N N 132 
DT  "H4'"  H N N 133 
DT  "H3'"  H N N 134 
DT  "HO3'" H N N 135 
DT  "H2'"  H N N 136 
DT  "H2''" H N N 137 
DT  "H1'"  H N N 138 
DT  H3     H N N 139 
DT  H71    H N N 140 
DT  H72    H N N 141 
DT  H73    H N N 142 
DT  H6     H N N 143 
HOH O      O N N 144 
HOH H1     H N N 145 
HOH H2     H N N 146 
# 
loop_
_chem_comp_bond.comp_id 
_chem_comp_bond.atom_id_1 
_chem_comp_bond.atom_id_2 
_chem_comp_bond.value_order 
_chem_comp_bond.pdbx_aromatic_flag 
_chem_comp_bond.pdbx_stereo_config 
_chem_comp_bond.pdbx_ordinal 
DA  OP3   P      sing N N 1   
DA  OP3   HOP3   sing N N 2   
DA  P     OP1    doub N N 3   
DA  P     OP2    sing N N 4   
DA  P     "O5'"  sing N N 5   
DA  OP2   HOP2   sing N N 6   
DA  "O5'" "C5'"  sing N N 7   
DA  "C5'" "C4'"  sing N N 8   
DA  "C5'" "H5'"  sing N N 9   
DA  "C5'" "H5''" sing N N 10  
DA  "C4'" "O4'"  sing N N 11  
DA  "C4'" "C3'"  sing N N 12  
DA  "C4'" "H4'"  sing N N 13  
DA  "O4'" "C1'"  sing N N 14  
DA  "C3'" "O3'"  sing N N 15  
DA  "C3'" "C2'"  sing N N 16  
DA  "C3'" "H3'"  sing N N 17  
DA  "O3'" "HO3'" sing N N 18  
DA  "C2'" "C1'"  sing N N 19  
DA  "C2'" "H2'"  sing N N 20  
DA  "C2'" "H2''" sing N N 21  
DA  "C1'" N9     sing N N 22  
DA  "C1'" "H1'"  sing N N 23  
DA  N9    C8     sing Y N 24  
DA  N9    C4     sing Y N 25  
DA  C8    N7     doub Y N 26  
DA  C8    H8     sing N N 27  
DA  N7    C5     sing Y N 28  
DA  C5    C6     sing Y N 29  
DA  C5    C4     doub Y N 30  
DA  C6    N6     sing N N 31  
DA  C6    N1     doub Y N 32  
DA  N6    H61    sing N N 33  
DA  N6    H62    sing N N 34  
DA  N1    C2     sing Y N 35  
DA  C2    N3     doub Y N 36  
DA  C2    H2     sing N N 37  
DA  N3    C4     sing Y N 38  
DC  OP3   P      sing N N 39  
DC  OP3   HOP3   sing N N 40  
DC  P     OP1    doub N N 41  
DC  P     OP2    sing N N 42  
DC  P     "O5'"  sing N N 43  
DC  OP2   HOP2   sing N N 44  
DC  "O5'" "C5'"  sing N N 45  
DC  "C5'" "C4'"  sing N N 46  
DC  "C5'" "H5'"  sing N N 47  
DC  "C5'" "H5''" sing N N 48  
DC  "C4'" "O4'"  sing N N 49  
DC  "C4'" "C3'"  sing N N 50  
DC  "C4'" "H4'"  sing N N 51  
DC  "O4'" "C1'"  sing N N 52  
DC  "C3'" "O3'"  sing N N 53  
DC  "C3'" "C2'"  sing N N 54  
DC  "C3'" "H3'"  sing N N 55  
DC  "O3'" "HO3'" sing N N 56  
DC  "C2'" "C1'"  sing N N 57  
DC  "C2'" "H2'"  sing N N 58  
DC  "C2'" "H2''" sing N N 59  
DC  "C1'" N1     sing N N 60  
DC  "C1'" "H1'"  sing N N 61  
DC  N1    C2     sing N N 62  
DC  N1    C6     sing N N 63  
DC  C2    O2     doub N N 64  
DC  C2    N3     sing N N 65  
DC  N3    C4     doub N N 66  
DC  C4    N4     sing N N 67  
DC  C4    C5     sing N N 68  
DC  N4    H41    sing N N 69  
DC  N4    H42    sing N N 70  
DC  C5    C6     doub N N 71  
DC  C5    H5     sing N N 72  
DC  C6    H6     sing N N 73  
DG  OP3   P      sing N N 74  
DG  OP3   HOP3   sing N N 75  
DG  P     OP1    doub N N 76  
DG  P     OP2    sing N N 77  
DG  P     "O5'"  sing N N 78  
DG  OP2   HOP2   sing N N 79  
DG  "O5'" "C5'"  sing N N 80  
DG  "C5'" "C4'"  sing N N 81  
DG  "C5'" "H5'"  sing N N 82  
DG  "C5'" "H5''" sing N N 83  
DG  "C4'" "O4'"  sing N N 84  
DG  "C4'" "C3'"  sing N N 85  
DG  "C4'" "H4'"  sing N N 86  
DG  "O4'" "C1'"  sing N N 87  
DG  "C3'" "O3'"  sing N N 88  
DG  "C3'" "C2'"  sing N N 89  
DG  "C3'" "H3'"  sing N N 90  
DG  "O3'" "HO3'" sing N N 91  
DG  "C2'" "C1'"  sing N N 92  
DG  "C2'" "H2'"  sing N N 93  
DG  "C2'" "H2''" sing N N 94  
DG  "C1'" N9     sing N N 95  
DG  "C1'" "H1'"  sing N N 96  
DG  N9    C8     sing Y N 97  
DG  N9    C4     sing Y N 98  
DG  C8    N7     doub Y N 99  
DG  C8    H8     sing N N 100 
DG  N7    C5     sing Y N 101 
DG  C5    C6     sing N N 102 
DG  C5    C4     doub Y N 103 
DG  C6    O6     doub N N 104 
DG  C6    N1     sing N N 105 
DG  N1    C2     sing N N 106 
DG  N1    H1     sing N N 107 
DG  C2    N2     sing N N 108 
DG  C2    N3     doub N N 109 
DG  N2    H21    sing N N 110 
DG  N2    H22    sing N N 111 
DG  N3    C4     sing N N 112 
DT  OP3   P      sing N N 113 
DT  OP3   HOP3   sing N N 114 
DT  P     OP1    doub N N 115 
DT  P     OP2    sing N N 116 
DT  P     "O5'"  sing N N 117 
DT  OP2   HOP2   sing N N 118 
DT  "O5'" "C5'"  sing N N 119 
DT  "C5'" "C4'"  sing N N 120 
DT  "C5'" "H5'"  sing N N 121 
DT  "C5'" "H5''" sing N N 122 
DT  "C4'" "O4'"  sing N N 123 
DT  "C4'" "C3'"  sing N N 124 
DT  "C4'" "H4'"  sing N N 125 
DT  "O4'" "C1'"  sing N N 126 
DT  "C3'" "O3'"  sing N N 127 
DT  "C3'" "C2'"  sing N N 128 
DT  "C3'" "H3'"  sing N N 129 
DT  "O3'" "HO3'" sing N N 130 
DT  "C2'" "C1'"  sing N N 131 
DT  "C2'" "H2'"  sing N N 132 
DT  "C2'" "H2''" sing N N 133 
DT  "C1'" N1     sing N N 134 
DT  "C1'" "H1'"  sing N N 135 
DT  N1    C2     sing N N 136 
DT  N1    C6     sing N N 137 
DT  C2    O2     doub N N 138 
DT  C2    N3     sing N N 139 
DT  N3    C4     sing N N 140 
DT  N3    H3     sing N N 141 
DT  C4    O4     doub N N 142 
DT  C4    C5     sing N N 143 
DT  C5    C7     sing N N 144 
DT  C5    C6     doub N N 145 
DT  C7    H71    sing N N 146 
DT  C7    H72    sing N N 147 
DT  C7    H73    sing N N 148 
DT  C6    H6     sing N N 149 
HOH O     H1     sing N N 150 
HOH O     H2     sing N N 151 
# 
_ndb_struct_conf_na.entry_id   1ZJE 
_ndb_struct_conf_na.feature    'a-form double helix' 
# 
loop_
_ndb_struct_na_base_pair.model_number 
_ndb_struct_na_base_pair.i_label_asym_id 
_ndb_struct_na_base_pair.i_label_comp_id 
_ndb_struct_na_base_pair.i_label_seq_id 
_ndb_struct_na_base_pair.i_symmetry 
_ndb_struct_na_base_pair.j_label_asym_id 
_ndb_struct_na_base_pair.j_label_comp_id 
_ndb_struct_na_base_pair.j_label_seq_id 
_ndb_struct_na_base_pair.j_symmetry 
_ndb_struct_na_base_pair.shear 
_ndb_struct_na_base_pair.stretch 
_ndb_struct_na_base_pair.stagger 
_ndb_struct_na_base_pair.buckle 
_ndb_struct_na_base_pair.propeller 
_ndb_struct_na_base_pair.opening 
_ndb_struct_na_base_pair.pair_number 
_ndb_struct_na_base_pair.pair_name 
_ndb_struct_na_base_pair.i_auth_asym_id 
_ndb_struct_na_base_pair.i_auth_seq_id 
_ndb_struct_na_base_pair.i_PDB_ins_code 
_ndb_struct_na_base_pair.j_auth_asym_id 
_ndb_struct_na_base_pair.j_auth_seq_id 
_ndb_struct_na_base_pair.j_PDB_ins_code 
_ndb_struct_na_base_pair.hbond_type_28 
_ndb_struct_na_base_pair.hbond_type_12 
1 A DG 2  1_555 B DC 12 1_555 -0.407 -0.277 0.092  -1.112  -1.671  -2.561 1  A_DG2:DC24_B  A 2  ? B 24 ? 19 1 
1 A DG 3  1_555 B DC 11 1_555 -0.301 -0.240 -0.301 -7.914  -2.979  0.432  2  A_DG3:DC23_B  A 3  ? B 23 ? 19 1 
1 A DG 4  1_555 B DC 10 1_555 -0.161 -0.252 -0.133 -6.814  -11.564 1.046  3  A_DG4:DC22_B  A 4  ? B 22 ? 19 1 
1 A DG 5  1_555 B DC 9  1_555 -0.313 -0.262 -0.194 -6.575  -10.278 0.960  4  A_DG5:DC21_B  A 5  ? B 21 ? 19 1 
1 A DC 6  1_555 B DG 8  1_555 0.332  -0.221 -0.107 3.793   -16.368 1.288  5  A_DC6:DG20_B  A 6  ? B 20 ? 19 1 
1 A DG 7  1_555 B DC 7  1_555 -0.235 -0.278 0.131  2.949   -6.326  -0.057 6  A_DG7:DC19_B  A 7  ? B 19 ? 19 1 
1 A DG 8  1_555 B DC 6  1_555 -0.495 -0.364 -0.242 -8.359  -12.755 -0.248 7  A_DG8:DC18_B  A 8  ? B 18 ? 19 1 
1 A DG 9  1_555 B DC 5  1_555 -0.168 -0.193 -0.185 -12.757 -10.966 0.780  8  A_DG9:DC17_B  A 9  ? B 17 ? 19 1 
1 A DG 10 1_555 B DC 4  1_555 -0.284 -0.218 0.058  -7.362  -8.628  4.481  9  A_DG10:DC16_B A 10 ? B 16 ? 19 1 
1 A DC 11 1_555 B DG 3  1_555 0.465  -0.206 -0.141 -6.990  -0.060  1.857  10 A_DC11:DG15_B A 11 ? B 15 ? 19 1 
1 A DT 12 1_555 B DA 2  1_555 0.101  -0.262 -0.284 7.688   -4.612  1.170  11 A_DT12:DA14_B A 12 ? B 14 ? 20 1 
# 
loop_
_ndb_struct_na_base_pair_step.model_number 
_ndb_struct_na_base_pair_step.i_label_asym_id_1 
_ndb_struct_na_base_pair_step.i_label_comp_id_1 
_ndb_struct_na_base_pair_step.i_label_seq_id_1 
_ndb_struct_na_base_pair_step.i_symmetry_1 
_ndb_struct_na_base_pair_step.j_label_asym_id_1 
_ndb_struct_na_base_pair_step.j_label_comp_id_1 
_ndb_struct_na_base_pair_step.j_label_seq_id_1 
_ndb_struct_na_base_pair_step.j_symmetry_1 
_ndb_struct_na_base_pair_step.i_label_asym_id_2 
_ndb_struct_na_base_pair_step.i_label_comp_id_2 
_ndb_struct_na_base_pair_step.i_label_seq_id_2 
_ndb_struct_na_base_pair_step.i_symmetry_2 
_ndb_struct_na_base_pair_step.j_label_asym_id_2 
_ndb_struct_na_base_pair_step.j_label_comp_id_2 
_ndb_struct_na_base_pair_step.j_label_seq_id_2 
_ndb_struct_na_base_pair_step.j_symmetry_2 
_ndb_struct_na_base_pair_step.shift 
_ndb_struct_na_base_pair_step.slide 
_ndb_struct_na_base_pair_step.rise 
_ndb_struct_na_base_pair_step.tilt 
_ndb_struct_na_base_pair_step.roll 
_ndb_struct_na_base_pair_step.twist 
_ndb_struct_na_base_pair_step.x_displacement 
_ndb_struct_na_base_pair_step.y_displacement 
_ndb_struct_na_base_pair_step.helical_rise 
_ndb_struct_na_base_pair_step.inclination 
_ndb_struct_na_base_pair_step.tip 
_ndb_struct_na_base_pair_step.helical_twist 
_ndb_struct_na_base_pair_step.step_number 
_ndb_struct_na_base_pair_step.step_name 
_ndb_struct_na_base_pair_step.i_auth_asym_id_1 
_ndb_struct_na_base_pair_step.i_auth_seq_id_1 
_ndb_struct_na_base_pair_step.i_PDB_ins_code_1 
_ndb_struct_na_base_pair_step.j_auth_asym_id_1 
_ndb_struct_na_base_pair_step.j_auth_seq_id_1 
_ndb_struct_na_base_pair_step.j_PDB_ins_code_1 
_ndb_struct_na_base_pair_step.i_auth_asym_id_2 
_ndb_struct_na_base_pair_step.i_auth_seq_id_2 
_ndb_struct_na_base_pair_step.i_PDB_ins_code_2 
_ndb_struct_na_base_pair_step.j_auth_asym_id_2 
_ndb_struct_na_base_pair_step.j_auth_seq_id_2 
_ndb_struct_na_base_pair_step.j_PDB_ins_code_2 
1 A DG 2  1_555 B DC 12 1_555 A DG 3  1_555 B DC 11 1_555 -0.104 -1.445 3.533 3.039  2.231  36.407 -2.629 0.611  3.422 3.559  
-4.848 36.595 1  AA_DG2DG3:DC23DC24_BB   A 2  ? B 24 ? A 3  ? B 23 ? 
1 A DG 3  1_555 B DC 11 1_555 A DG 4  1_555 B DC 10 1_555 0.887  -1.848 3.286 -1.287 10.876 26.372 -5.961 -2.063 2.311 22.636 
2.678  28.518 2  AA_DG3DG4:DC22DC23_BB   A 3  ? B 23 ? A 4  ? B 22 ? 
1 A DG 4  1_555 B DC 10 1_555 A DG 5  1_555 B DC 9  1_555 -0.679 -2.078 3.263 -1.974 9.423  29.195 -5.604 0.930  2.525 18.084 
3.788  30.709 3  AA_DG4DG5:DC21DC22_BB   A 4  ? B 22 ? A 5  ? B 21 ? 
1 A DG 5  1_555 B DC 9  1_555 A DC 6  1_555 B DG 8  1_555 -0.345 -0.713 2.999 -1.274 7.830  32.754 -2.371 0.410  2.771 13.637 
2.219  33.675 4  AA_DG5DC6:DG20DC21_BB   A 5  ? B 21 ? A 6  ? B 20 ? 
1 A DC 6  1_555 B DG 8  1_555 A DG 7  1_555 B DC 7  1_555 -0.106 -1.637 3.121 -3.289 14.870 29.422 -5.000 -0.284 2.076 27.109 
5.997  33.052 5  AA_DC6DG7:DC19DG20_BB   A 6  ? B 20 ? A 7  ? B 19 ? 
1 A DG 7  1_555 B DC 7  1_555 A DG 8  1_555 B DC 6  1_555 0.488  -1.668 3.518 3.419  12.364 30.492 -5.009 -0.284 2.695 22.309 
-6.169 33.022 6  AA_DG7DG8:DC18DC19_BB   A 7  ? B 19 ? A 8  ? B 18 ? 
1 A DG 8  1_555 B DC 6  1_555 A DG 9  1_555 B DC 5  1_555 0.282  -1.543 3.362 1.404  9.771  32.338 -4.181 -0.266 2.800 17.055 
-2.451 33.773 7  AA_DG8DG9:DC17DC18_BB   A 8  ? B 18 ? A 9  ? B 17 ? 
1 A DG 9  1_555 B DC 5  1_555 A DG 10 1_555 B DC 4  1_555 0.681  -1.904 3.004 1.067  8.253  28.088 -5.270 -1.154 2.384 16.550 
-2.140 29.271 8  AA_DG9DG10:DC16DC17_BB  A 9  ? B 17 ? A 10 ? B 16 ? 
1 A DG 10 1_555 B DC 4  1_555 A DC 11 1_555 B DG 3  1_555 0.470  -1.283 3.281 4.089  1.146  38.774 -2.061 -0.208 3.275 1.720  
-6.137 38.997 9  AA_DG10DC11:DG15DC16_BB A 10 ? B 16 ? A 11 ? B 15 ? 
1 A DC 11 1_555 B DG 3  1_555 A DT 12 1_555 B DA 2  1_555 -0.511 -1.451 2.998 1.523  3.594  25.582 -4.121 1.513  2.737 8.057  
-3.414 25.873 10 AA_DC11DT12:DA14DG15_BB A 11 ? B 15 ? A 12 ? B 14 ? 
# 
_atom_sites.entry_id                    1ZJE 
_atom_sites.fract_transf_matrix[1][1]   -0.02222407 
_atom_sites.fract_transf_matrix[1][2]   -0.00734579 
_atom_sites.fract_transf_matrix[1][3]   -0.01846631 
_atom_sites.fract_transf_matrix[2][1]   0.01020776 
_atom_sites.fract_transf_matrix[2][2]   0.01437343 
_atom_sites.fract_transf_matrix[2][3]   -0.01800264 
_atom_sites.fract_transf_matrix[3][1]   0.01255431 
_atom_sites.fract_transf_matrix[3][2]   -0.01858174 
_atom_sites.fract_transf_matrix[3][3]   -0.00771731 
_atom_sites.fract_transf_vector[1]      0.728526 
_atom_sites.fract_transf_vector[2]      0.258394 
_atom_sites.fract_transf_vector[3]      0.281259 
# 
loop_
_atom_type.symbol 
C 
N 
O 
P 
# 
loop_
_atom_site.group_PDB 
_atom_site.id 
_atom_site.type_symbol 
_atom_site.label_atom_id 
_atom_site.label_alt_id 
_atom_site.label_comp_id 
_atom_site.label_asym_id 
_atom_site.label_entity_id 
_atom_site.label_seq_id 
_atom_site.pdbx_PDB_ins_code 
_atom_site.Cartn_x 
_atom_site.Cartn_y 
_atom_site.Cartn_z 
_atom_site.occupancy 
_atom_site.B_iso_or_equiv 
_atom_site.pdbx_formal_charge 
_atom_site.auth_seq_id 
_atom_site.auth_comp_id 
_atom_site.auth_asym_id 
_atom_site.auth_atom_id 
_atom_site.pdbx_PDB_model_num 
ATOM   1   O "O5'" . DA  A 1 1  ? 13.656  -3.099  7.552   1.00 28.27 ? 1   DA  A "O5'" 1 
ATOM   2   C "C5'" . DA  A 1 1  ? 13.360  -4.352  8.168   1.00 27.13 ? 1   DA  A "C5'" 1 
ATOM   3   C "C4'" . DA  A 1 1  ? 11.990  -4.845  7.762   1.00 28.59 ? 1   DA  A "C4'" 1 
ATOM   4   O "O4'" . DA  A 1 1  ? 11.729  -6.105  8.413   1.00 29.80 ? 1   DA  A "O4'" 1 
ATOM   5   C "C3'" . DA  A 1 1  ? 10.840  -3.945  8.194   1.00 28.75 ? 1   DA  A "C3'" 1 
ATOM   6   O "O3'" . DA  A 1 1  ? 9.716   -4.125  7.327   1.00 29.43 ? 1   DA  A "O3'" 1 
ATOM   7   C "C2'" . DA  A 1 1  ? 10.527  -4.434  9.598   1.00 27.20 ? 1   DA  A "C2'" 1 
ATOM   8   C "C1'" . DA  A 1 1  ? 10.958  -5.899  9.588   1.00 27.25 ? 1   DA  A "C1'" 1 
ATOM   9   N N9    . DA  A 1 1  ? 11.827  -6.279  10.697  1.00 25.95 ? 1   DA  A N9    1 
ATOM   10  C C8    . DA  A 1 1  ? 12.520  -5.464  11.560  1.00 24.59 ? 1   DA  A C8    1 
ATOM   11  N N7    . DA  A 1 1  ? 13.210  -6.118  12.462  1.00 24.31 ? 1   DA  A N7    1 
ATOM   12  C C5    . DA  A 1 1  ? 12.956  -7.453  12.173  1.00 25.64 ? 1   DA  A C5    1 
ATOM   13  C C6    . DA  A 1 1  ? 13.391  -8.655  12.767  1.00 26.20 ? 1   DA  A C6    1 
ATOM   14  N N6    . DA  A 1 1  ? 14.202  -8.712  13.826  1.00 26.05 ? 1   DA  A N6    1 
ATOM   15  N N1    . DA  A 1 1  ? 12.956  -9.815  12.224  1.00 27.39 ? 1   DA  A N1    1 
ATOM   16  C C2    . DA  A 1 1  ? 12.145  -9.762  11.162  1.00 24.84 ? 1   DA  A C2    1 
ATOM   17  N N3    . DA  A 1 1  ? 11.667  -8.700  10.520  1.00 26.70 ? 1   DA  A N3    1 
ATOM   18  C C4    . DA  A 1 1  ? 12.112  -7.565  11.083  1.00 25.91 ? 1   DA  A C4    1 
ATOM   19  P P     . DG  A 1 2  ? 9.216   -2.905  6.401   1.00 29.76 ? 2   DG  A P     1 
ATOM   20  O OP1   . DG  A 1 2  ? 9.325   -1.635  7.159   1.00 32.37 ? 2   DG  A OP1   1 
ATOM   21  O OP2   . DG  A 1 2  ? 7.917   -3.301  5.816   1.00 31.00 ? 2   DG  A OP2   1 
ATOM   22  O "O5'" . DG  A 1 2  ? 10.270  -2.863  5.213   1.00 29.48 ? 2   DG  A "O5'" 1 
ATOM   23  C "C5'" . DG  A 1 2  ? 11.514  -2.184  5.353   1.00 25.19 ? 2   DG  A "C5'" 1 
ATOM   24  C "C4'" . DG  A 1 2  ? 12.371  -2.435  4.135   1.00 23.63 ? 2   DG  A "C4'" 1 
ATOM   25  O "O4'" . DG  A 1 2  ? 12.849  -3.798  4.155   1.00 19.14 ? 2   DG  A "O4'" 1 
ATOM   26  C "C3'" . DG  A 1 2  ? 11.615  -2.297  2.818   1.00 21.21 ? 2   DG  A "C3'" 1 
ATOM   27  O "O3'" . DG  A 1 2  ? 11.732  -0.977  2.302   1.00 23.63 ? 2   DG  A "O3'" 1 
ATOM   28  C "C2'" . DG  A 1 2  ? 12.317  -3.291  1.915   1.00 21.00 ? 2   DG  A "C2'" 1 
ATOM   29  C "C1'" . DG  A 1 2  ? 12.676  -4.407  2.880   1.00 20.19 ? 2   DG  A "C1'" 1 
ATOM   30  N N9    . DG  A 1 2  ? 11.644  -5.435  3.001   1.00 18.82 ? 2   DG  A N9    1 
ATOM   31  C C8    . DG  A 1 2  ? 10.874  -5.710  4.104   1.00 17.69 ? 2   DG  A C8    1 
ATOM   32  N N7    . DG  A 1 2  ? 10.058  -6.716  3.921   1.00 18.34 ? 2   DG  A N7    1 
ATOM   33  C C5    . DG  A 1 2  ? 10.298  -7.122  2.615   1.00 18.08 ? 2   DG  A C5    1 
ATOM   34  C C6    . DG  A 1 2  ? 9.720   -8.177  1.856   1.00 16.81 ? 2   DG  A C6    1 
ATOM   35  O O6    . DG  A 1 2  ? 8.864   -8.993  2.207   1.00 17.56 ? 2   DG  A O6    1 
ATOM   36  N N1    . DG  A 1 2  ? 10.251  -8.235  0.572   1.00 15.37 ? 2   DG  A N1    1 
ATOM   37  C C2    . DG  A 1 2  ? 11.224  -7.394  0.081   1.00 16.50 ? 2   DG  A C2    1 
ATOM   38  N N2    . DG  A 1 2  ? 11.627  -7.616  -1.177  1.00 11.84 ? 2   DG  A N2    1 
ATOM   39  N N3    . DG  A 1 2  ? 11.768  -6.409  0.779   1.00 17.70 ? 2   DG  A N3    1 
ATOM   40  C C4    . DG  A 1 2  ? 11.265  -6.334  2.029   1.00 17.87 ? 2   DG  A C4    1 
ATOM   41  P P     . DG  A 1 3  ? 10.550  -0.378  1.395   1.00 23.57 ? 3   DG  A P     1 
ATOM   42  O OP1   . DG  A 1 3  ? 10.876  1.032   1.077   1.00 26.16 ? 3   DG  A OP1   1 
ATOM   43  O OP2   . DG  A 1 3  ? 9.269   -0.700  2.071   1.00 23.40 ? 3   DG  A OP2   1 
ATOM   44  O "O5'" . DG  A 1 3  ? 10.617  -1.243  0.059   1.00 24.71 ? 3   DG  A "O5'" 1 
ATOM   45  C "C5'" . DG  A 1 3  ? 11.709  -1.125  -0.848  1.00 24.56 ? 3   DG  A "C5'" 1 
ATOM   46  C "C4'" . DG  A 1 3  ? 11.448  -1.956  -2.083  1.00 24.84 ? 3   DG  A "C4'" 1 
ATOM   47  O "O4'" . DG  A 1 3  ? 11.571  -3.363  -1.773  1.00 25.62 ? 3   DG  A "O4'" 1 
ATOM   48  C "C3'" . DG  A 1 3  ? 10.027  -1.839  -2.627  1.00 26.00 ? 3   DG  A "C3'" 1 
ATOM   49  O "O3'" . DG  A 1 3  ? 9.865   -0.675  -3.441  1.00 27.13 ? 3   DG  A "O3'" 1 
ATOM   50  C "C2'" . DG  A 1 3  ? 9.931   -3.112  -3.443  1.00 23.54 ? 3   DG  A "C2'" 1 
ATOM   51  C "C1'" . DG  A 1 3  ? 10.609  -4.108  -2.519  1.00 23.49 ? 3   DG  A "C1'" 1 
ATOM   52  N N9    . DG  A 1 3  ? 9.677   -4.706  -1.566  1.00 20.15 ? 3   DG  A N9    1 
ATOM   53  C C8    . DG  A 1 3  ? 9.441   -4.296  -0.278  1.00 17.65 ? 3   DG  A C8    1 
ATOM   54  N N7    . DG  A 1 3  ? 8.535   -5.014  0.328   1.00 17.33 ? 3   DG  A N7    1 
ATOM   55  C C5    . DG  A 1 3  ? 8.155   -5.959  -0.612  1.00 17.19 ? 3   DG  A C5    1 
ATOM   56  C C6    . DG  A 1 3  ? 7.206   -7.010  -0.524  1.00 17.07 ? 3   DG  A C6    1 
ATOM   57  O O6    . DG  A 1 3  ? 6.510   -7.335  0.442   1.00 18.38 ? 3   DG  A O6    1 
ATOM   58  N N1    . DG  A 1 3  ? 7.114   -7.721  -1.719  1.00 16.00 ? 3   DG  A N1    1 
ATOM   59  C C2    . DG  A 1 3  ? 7.849   -7.463  -2.847  1.00 17.04 ? 3   DG  A C2    1 
ATOM   60  N N2    . DG  A 1 3  ? 7.615   -8.262  -3.904  1.00 19.13 ? 3   DG  A N2    1 
ATOM   61  N N3    . DG  A 1 3  ? 8.750   -6.493  -2.938  1.00 18.59 ? 3   DG  A N3    1 
ATOM   62  C C4    . DG  A 1 3  ? 8.849   -5.785  -1.789  1.00 19.00 ? 3   DG  A C4    1 
ATOM   63  P P     . DG  A 1 4  ? 8.443   0.080   -3.472  1.00 29.93 ? 4   DG  A P     1 
ATOM   64  O OP1   . DG  A 1 4  ? 8.579   1.250   -4.369  1.00 31.33 ? 4   DG  A OP1   1 
ATOM   65  O OP2   . DG  A 1 4  ? 7.974   0.279   -2.073  1.00 29.01 ? 4   DG  A OP2   1 
ATOM   66  O "O5'" . DG  A 1 4  ? 7.454   -0.985  -4.138  1.00 28.60 ? 4   DG  A "O5'" 1 
ATOM   67  C "C5'" . DG  A 1 4  ? 7.706   -1.494  -5.444  1.00 26.14 ? 4   DG  A "C5'" 1 
ATOM   68  C "C4'" . DG  A 1 4  ? 6.872   -2.729  -5.711  1.00 23.24 ? 4   DG  A "C4'" 1 
ATOM   69  O "O4'" . DG  A 1 4  ? 7.168   -3.767  -4.749  1.00 22.09 ? 4   DG  A "O4'" 1 
ATOM   70  C "C3'" . DG  A 1 4  ? 5.362   -2.595  -5.550  1.00 21.90 ? 4   DG  A "C3'" 1 
ATOM   71  O "O3'" . DG  A 1 4  ? 4.769   -1.936  -6.661  1.00 19.98 ? 4   DG  A "O3'" 1 
ATOM   72  C "C2'" . DG  A 1 4  ? 4.976   -4.064  -5.561  1.00 20.31 ? 4   DG  A "C2'" 1 
ATOM   73  C "C1'" . DG  A 1 4  ? 6.063   -4.669  -4.691  1.00 18.85 ? 4   DG  A "C1'" 1 
ATOM   74  N N9    . DG  A 1 4  ? 5.579   -4.812  -3.323  1.00 19.02 ? 4   DG  A N9    1 
ATOM   75  C C8    . DG  A 1 4  ? 5.880   -4.049  -2.217  1.00 15.86 ? 4   DG  A C8    1 
ATOM   76  N N7    . DG  A 1 4  ? 5.219   -4.419  -1.150  1.00 16.86 ? 4   DG  A N7    1 
ATOM   77  C C5    . DG  A 1 4  ? 4.447   -5.497  -1.576  1.00 17.21 ? 4   DG  A C5    1 
ATOM   78  C C6    . DG  A 1 4  ? 3.516   -6.315  -0.868  1.00 18.32 ? 4   DG  A C6    1 
ATOM   79  O O6    . DG  A 1 4  ? 3.178   -6.252  0.325   1.00 15.87 ? 4   DG  A O6    1 
ATOM   80  N N1    . DG  A 1 4  ? 2.957   -7.286  -1.696  1.00 17.83 ? 4   DG  A N1    1 
ATOM   81  C C2    . DG  A 1 4  ? 3.252   -7.452  -3.031  1.00 19.46 ? 4   DG  A C2    1 
ATOM   82  N N2    . DG  A 1 4  ? 2.609   -8.443  -3.677  1.00 16.68 ? 4   DG  A N2    1 
ATOM   83  N N3    . DG  A 1 4  ? 4.115   -6.704  -3.690  1.00 17.01 ? 4   DG  A N3    1 
ATOM   84  C C4    . DG  A 1 4  ? 4.667   -5.755  -2.910  1.00 17.69 ? 4   DG  A C4    1 
ATOM   85  P P     . DG  A 1 5  ? 3.253   -1.408  -6.552  1.00 18.88 ? 5   DG  A P     1 
ATOM   86  O OP1   . DG  A 1 5  ? 3.023   -0.496  -7.701  1.00 17.07 ? 5   DG  A OP1   1 
ATOM   87  O OP2   . DG  A 1 5  ? 3.003   -0.921  -5.170  1.00 15.85 ? 5   DG  A OP2   1 
ATOM   88  O "O5'" . DG  A 1 5  ? 2.376   -2.723  -6.729  1.00 17.69 ? 5   DG  A "O5'" 1 
ATOM   89  C "C5'" . DG  A 1 5  ? 2.460   -3.516  -7.900  1.00 18.90 ? 5   DG  A "C5'" 1 
ATOM   90  C "C4'" . DG  A 1 5  ? 1.420   -4.607  -7.846  1.00 20.54 ? 5   DG  A "C4'" 1 
ATOM   91  O "O4'" . DG  A 1 5  ? 1.718   -5.483  -6.734  1.00 19.98 ? 5   DG  A "O4'" 1 
ATOM   92  C "C3'" . DG  A 1 5  ? 0.020   -4.090  -7.526  1.00 20.88 ? 5   DG  A "C3'" 1 
ATOM   93  O "O3'" . DG  A 1 5  ? -0.657  -3.666  -8.709  1.00 19.75 ? 5   DG  A "O3'" 1 
ATOM   94  C "C2'" . DG  A 1 5  ? -0.641  -5.301  -6.903  1.00 19.19 ? 5   DG  A "C2'" 1 
ATOM   95  C "C1'" . DG  A 1 5  ? 0.508   -5.953  -6.147  1.00 20.36 ? 5   DG  A "C1'" 1 
ATOM   96  N N9    . DG  A 1 5  ? 0.534   -5.612  -4.728  1.00 19.04 ? 5   DG  A N9    1 
ATOM   97  C C8    . DG  A 1 5  ? 1.314   -4.660  -4.111  1.00 16.84 ? 5   DG  A C8    1 
ATOM   98  N N7    . DG  A 1 5  ? 1.144   -4.622  -2.815  1.00 16.43 ? 5   DG  A N7    1 
ATOM   99  C C5    . DG  A 1 5  ? 0.190   -5.600  -2.562  1.00 19.04 ? 5   DG  A C5    1 
ATOM   100 C C6    . DG  A 1 5  ? -0.389  -6.028  -1.335  1.00 19.89 ? 5   DG  A C6    1 
ATOM   101 O O6    . DG  A 1 5  ? -0.141  -5.634  -0.189  1.00 20.43 ? 5   DG  A O6    1 
ATOM   102 N N1    . DG  A 1 5  ? -1.341  -7.029  -1.538  1.00 19.44 ? 5   DG  A N1    1 
ATOM   103 C C2    . DG  A 1 5  ? -1.680  -7.559  -2.761  1.00 21.99 ? 5   DG  A C2    1 
ATOM   104 N N2    . DG  A 1 5  ? -2.631  -8.513  -2.751  1.00 19.75 ? 5   DG  A N2    1 
ATOM   105 N N3    . DG  A 1 5  ? -1.131  -7.182  -3.910  1.00 19.20 ? 5   DG  A N3    1 
ATOM   106 C C4    . DG  A 1 5  ? -0.213  -6.206  -3.735  1.00 19.71 ? 5   DG  A C4    1 
ATOM   107 P P     . DC  A 1 6  ? -1.675  -2.417  -8.636  1.00 20.28 ? 6   DC  A P     1 
ATOM   108 O OP1   . DC  A 1 6  ? -1.862  -1.932  -10.020 1.00 23.45 ? 6   DC  A OP1   1 
ATOM   109 O OP2   . DC  A 1 6  ? -1.224  -1.477  -7.584  1.00 19.83 ? 6   DC  A OP2   1 
ATOM   110 O "O5'" . DC  A 1 6  ? -3.036  -3.059  -8.117  1.00 20.99 ? 6   DC  A "O5'" 1 
ATOM   111 C "C5'" . DC  A 1 6  ? -3.664  -4.122  -8.828  1.00 19.65 ? 6   DC  A "C5'" 1 
ATOM   112 C "C4'" . DC  A 1 6  ? -4.658  -4.828  -7.936  1.00 18.35 ? 6   DC  A "C4'" 1 
ATOM   113 O "O4'" . DC  A 1 6  ? -3.964  -5.562  -6.907  1.00 16.41 ? 6   DC  A "O4'" 1 
ATOM   114 C "C3'" . DC  A 1 6  ? -5.587  -3.905  -7.153  1.00 18.84 ? 6   DC  A "C3'" 1 
ATOM   115 O "O3'" . DC  A 1 6  ? -6.697  -3.496  -7.956  1.00 21.58 ? 6   DC  A "O3'" 1 
ATOM   116 C "C2'" . DC  A 1 6  ? -6.033  -4.830  -6.040  1.00 17.31 ? 6   DC  A "C2'" 1 
ATOM   117 C "C1'" . DC  A 1 6  ? -4.746  -5.577  -5.719  1.00 17.38 ? 6   DC  A "C1'" 1 
ATOM   118 N N1    . DC  A 1 6  ? -3.987  -4.933  -4.633  1.00 17.76 ? 6   DC  A N1    1 
ATOM   119 C C2    . DC  A 1 6  ? -4.261  -5.310  -3.321  1.00 18.23 ? 6   DC  A C2    1 
ATOM   120 O O2    . DC  A 1 6  ? -5.105  -6.192  -3.117  1.00 19.10 ? 6   DC  A O2    1 
ATOM   121 N N3    . DC  A 1 6  ? -3.607  -4.701  -2.303  1.00 18.65 ? 6   DC  A N3    1 
ATOM   122 C C4    . DC  A 1 6  ? -2.712  -3.748  -2.561  1.00 18.31 ? 6   DC  A C4    1 
ATOM   123 N N4    . DC  A 1 6  ? -2.120  -3.154  -1.520  1.00 16.57 ? 6   DC  A N4    1 
ATOM   124 C C5    . DC  A 1 6  ? -2.393  -3.356  -3.897  1.00 17.26 ? 6   DC  A C5    1 
ATOM   125 C C6    . DC  A 1 6  ? -3.047  -3.972  -4.894  1.00 18.11 ? 6   DC  A C6    1 
ATOM   126 P P     . DG  A 1 7  ? -7.437  -2.110  -7.637  1.00 22.61 ? 7   DG  A P     1 
ATOM   127 O OP1   . DG  A 1 7  ? -8.407  -1.851  -8.722  1.00 22.36 ? 7   DG  A OP1   1 
ATOM   128 O OP2   . DG  A 1 7  ? -6.402  -1.097  -7.336  1.00 23.00 ? 7   DG  A OP2   1 
ATOM   129 O "O5'" . DG  A 1 7  ? -8.207  -2.412  -6.276  1.00 20.60 ? 7   DG  A "O5'" 1 
ATOM   130 C "C5'" . DG  A 1 7  ? -9.319  -3.304  -6.250  1.00 21.28 ? 7   DG  A "C5'" 1 
ATOM   131 C "C4'" . DG  A 1 7  ? -9.855  -3.445  -4.842  1.00 20.83 ? 7   DG  A "C4'" 1 
ATOM   132 O "O4'" . DG  A 1 7  ? -8.912  -4.170  -4.017  1.00 20.51 ? 7   DG  A "O4'" 1 
ATOM   133 C "C3'" . DG  A 1 7  ? -10.049 -2.144  -4.069  1.00 20.52 ? 7   DG  A "C3'" 1 
ATOM   134 O "O3'" . DG  A 1 7  ? -11.243 -1.458  -4.455  1.00 21.76 ? 7   DG  A "O3'" 1 
ATOM   135 C "C2'" . DG  A 1 7  ? -10.156 -2.692  -2.660  1.00 20.28 ? 7   DG  A "C2'" 1 
ATOM   136 C "C1'" . DG  A 1 7  ? -9.064  -3.756  -2.658  1.00 20.92 ? 7   DG  A "C1'" 1 
ATOM   137 N N9    . DG  A 1 7  ? -7.789  -3.212  -2.204  1.00 19.65 ? 7   DG  A N9    1 
ATOM   138 C C8    . DG  A 1 7  ? -6.769  -2.732  -2.989  1.00 18.41 ? 7   DG  A C8    1 
ATOM   139 N N7    . DG  A 1 7  ? -5.767  -2.269  -2.300  1.00 17.92 ? 7   DG  A N7    1 
ATOM   140 C C5    . DG  A 1 7  ? -6.144  -2.460  -0.976  1.00 19.31 ? 7   DG  A C5    1 
ATOM   141 C C6    . DG  A 1 7  ? -5.464  -2.146  0.228   1.00 19.88 ? 7   DG  A C6    1 
ATOM   142 O O6    . DG  A 1 7  ? -4.366  -1.611  0.368   1.00 21.26 ? 7   DG  A O6    1 
ATOM   143 N N1    . DG  A 1 7  ? -6.204  -2.517  1.350   1.00 20.11 ? 7   DG  A N1    1 
ATOM   144 C C2    . DG  A 1 7  ? -7.448  -3.103  1.312   1.00 20.29 ? 7   DG  A C2    1 
ATOM   145 N N2    . DG  A 1 7  ? -8.014  -3.388  2.498   1.00 20.55 ? 7   DG  A N2    1 
ATOM   146 N N3    . DG  A 1 7  ? -8.090  -3.391  0.196   1.00 20.91 ? 7   DG  A N3    1 
ATOM   147 C C4    . DG  A 1 7  ? -7.385  -3.047  -0.902  1.00 19.20 ? 7   DG  A C4    1 
ATOM   148 P P     . DG  A 1 8  ? -11.336 0.140   -4.267  1.00 23.94 ? 8   DG  A P     1 
ATOM   149 O OP1   . DG  A 1 8  ? -12.611 0.605   -4.870  1.00 23.35 ? 8   DG  A OP1   1 
ATOM   150 O OP2   . DG  A 1 8  ? -10.055 0.724   -4.737  1.00 23.32 ? 8   DG  A OP2   1 
ATOM   151 O "O5'" . DG  A 1 8  ? -11.412 0.332   -2.687  1.00 22.45 ? 8   DG  A "O5'" 1 
ATOM   152 C "C5'" . DG  A 1 8  ? -12.505 -0.217  -1.956  1.00 25.38 ? 8   DG  A "C5'" 1 
ATOM   153 C "C4'" . DG  A 1 8  ? -12.255 -0.127  -0.469  1.00 25.32 ? 8   DG  A "C4'" 1 
ATOM   154 O "O4'" . DG  A 1 8  ? -11.060 -0.866  -0.139  1.00 23.83 ? 8   DG  A "O4'" 1 
ATOM   155 C "C3'" . DG  A 1 8  ? -11.962 1.267   0.082   1.00 26.49 ? 8   DG  A "C3'" 1 
ATOM   156 O "O3'" . DG  A 1 8  ? -13.166 1.994   0.319   1.00 28.86 ? 8   DG  A "O3'" 1 
ATOM   157 C "C2'" . DG  A 1 8  ? -11.322 0.904   1.408   1.00 23.94 ? 8   DG  A "C2'" 1 
ATOM   158 C "C1'" . DG  A 1 8  ? -10.467 -0.297  1.029   1.00 23.86 ? 8   DG  A "C1'" 1 
ATOM   159 N N9    . DG  A 1 8  ? -9.103  0.102   0.712   1.00 21.84 ? 8   DG  A N9    1 
ATOM   160 C C8    . DG  A 1 8  ? -8.530  0.208   -0.531  1.00 23.29 ? 8   DG  A C8    1 
ATOM   161 N N7    . DG  A 1 8  ? -7.288  0.608   -0.488  1.00 22.24 ? 8   DG  A N7    1 
ATOM   162 C C5    . DG  A 1 8  ? -7.028  0.777   0.865   1.00 19.91 ? 8   DG  A C5    1 
ATOM   163 C C6    . DG  A 1 8  ? -5.846  1.197   1.527   1.00 20.19 ? 8   DG  A C6    1 
ATOM   164 O O6    . DG  A 1 8  ? -4.759  1.505   1.031   1.00 18.59 ? 8   DG  A O6    1 
ATOM   165 N N1    . DG  A 1 8  ? -6.020  1.237   2.907   1.00 19.34 ? 8   DG  A N1    1 
ATOM   166 C C2    . DG  A 1 8  ? -7.184  0.913   3.565   1.00 22.08 ? 8   DG  A C2    1 
ATOM   167 N N2    . DG  A 1 8  ? -7.170  1.032   4.903   1.00 20.80 ? 8   DG  A N2    1 
ATOM   168 N N3    . DG  A 1 8  ? -8.286  0.510   2.957   1.00 19.80 ? 8   DG  A N3    1 
ATOM   169 C C4    . DG  A 1 8  ? -8.138  0.467   1.617   1.00 21.15 ? 8   DG  A C4    1 
ATOM   170 P P     . DG  A 1 9  ? -13.192 3.581   0.084   1.00 31.43 ? 9   DG  A P     1 
ATOM   171 O OP1   . DG  A 1 9  ? -14.615 4.002   0.144   1.00 30.09 ? 9   DG  A OP1   1 
ATOM   172 O OP2   . DG  A 1 9  ? -12.391 3.872   -1.131  1.00 30.42 ? 9   DG  A OP2   1 
ATOM   173 O "O5'" . DG  A 1 9  ? -12.403 4.180   1.334   1.00 32.05 ? 9   DG  A "O5'" 1 
ATOM   174 C "C5'" . DG  A 1 9  ? -12.952 4.109   2.649   1.00 35.25 ? 9   DG  A "C5'" 1 
ATOM   175 C "C4'" . DG  A 1 9  ? -11.906 4.460   3.685   1.00 37.15 ? 9   DG  A "C4'" 1 
ATOM   176 O "O4'" . DG  A 1 9  ? -10.776 3.569   3.544   1.00 36.83 ? 9   DG  A "O4'" 1 
ATOM   177 C "C3'" . DG  A 1 9  ? -11.251 5.836   3.569   1.00 38.61 ? 9   DG  A "C3'" 1 
ATOM   178 O "O3'" . DG  A 1 9  ? -12.056 6.855   4.164   1.00 41.48 ? 9   DG  A "O3'" 1 
ATOM   179 C "C2'" . DG  A 1 9  ? -10.024 5.620   4.432   1.00 36.86 ? 9   DG  A "C2'" 1 
ATOM   180 C "C1'" . DG  A 1 9  ? -9.611  4.207   4.053   1.00 34.96 ? 9   DG  A "C1'" 1 
ATOM   181 N N9    . DG  A 1 9  ? -8.580  4.221   3.022   1.00 30.84 ? 9   DG  A N9    1 
ATOM   182 C C8    . DG  A 1 9  ? -8.720  3.954   1.684   1.00 29.90 ? 9   DG  A C8    1 
ATOM   183 N N7    . DG  A 1 9  ? -7.606  4.084   1.019   1.00 29.93 ? 9   DG  A N7    1 
ATOM   184 C C5    . DG  A 1 9  ? -6.675  4.452   1.980   1.00 28.67 ? 9   DG  A C5    1 
ATOM   185 C C6    . DG  A 1 9  ? -5.290  4.733   1.863   1.00 27.39 ? 9   DG  A C6    1 
ATOM   186 O O6    . DG  A 1 9  ? -4.589  4.734   0.848   1.00 23.95 ? 9   DG  A O6    1 
ATOM   187 N N1    . DG  A 1 9  ? -4.726  5.045   3.096   1.00 26.90 ? 9   DG  A N1    1 
ATOM   188 C C2    . DG  A 1 9  ? -5.407  5.093   4.287   1.00 27.07 ? 9   DG  A C2    1 
ATOM   189 N N2    . DG  A 1 9  ? -4.688  5.390   5.380   1.00 24.13 ? 9   DG  A N2    1 
ATOM   190 N N3    . DG  A 1 9  ? -6.699  4.856   4.402   1.00 28.96 ? 9   DG  A N3    1 
ATOM   191 C C4    . DG  A 1 9  ? -7.263  4.536   3.219   1.00 30.18 ? 9   DG  A C4    1 
ATOM   192 P P     . DG  A 1 10 ? -11.941 8.369   3.637   1.00 43.34 ? 10  DG  A P     1 
ATOM   193 O OP1   . DG  A 1 10 ? -12.922 9.170   4.416   1.00 45.19 ? 10  DG  A OP1   1 
ATOM   194 O OP2   . DG  A 1 10 ? -12.019 8.350   2.153   1.00 43.35 ? 10  DG  A OP2   1 
ATOM   195 O "O5'" . DG  A 1 10 ? -10.468 8.839   4.036   1.00 40.71 ? 10  DG  A "O5'" 1 
ATOM   196 C "C5'" . DG  A 1 10 ? -10.150 9.157   5.388   1.00 37.94 ? 10  DG  A "C5'" 1 
ATOM   197 C "C4'" . DG  A 1 10 ? -8.672  9.440   5.545   1.00 34.76 ? 10  DG  A "C4'" 1 
ATOM   198 O "O4'" . DG  A 1 10 ? -7.893  8.325   5.056   1.00 32.60 ? 10  DG  A "O4'" 1 
ATOM   199 C "C3'" . DG  A 1 10 ? -8.092  10.597  4.735   1.00 33.18 ? 10  DG  A "C3'" 1 
ATOM   200 O "O3'" . DG  A 1 10 ? -8.362  11.856  5.350   1.00 32.75 ? 10  DG  A "O3'" 1 
ATOM   201 C "C2'" . DG  A 1 10 ? -6.615  10.299  4.886   1.00 32.03 ? 10  DG  A "C2'" 1 
ATOM   202 C "C1'" . DG  A 1 10 ? -6.573  8.784   4.791   1.00 31.77 ? 10  DG  A "C1'" 1 
ATOM   203 N N9    . DG  A 1 10 ? -6.158  8.373   3.457   1.00 29.56 ? 10  DG  A N9    1 
ATOM   204 C C8    . DG  A 1 10 ? -6.948  7.960   2.410   1.00 29.31 ? 10  DG  A C8    1 
ATOM   205 N N7    . DG  A 1 10 ? -6.265  7.710   1.324   1.00 29.46 ? 10  DG  A N7    1 
ATOM   206 C C5    . DG  A 1 10 ? -4.948  7.965   1.683   1.00 28.67 ? 10  DG  A C5    1 
ATOM   207 C C6    . DG  A 1 10 ? -3.753  7.876   0.926   1.00 27.69 ? 10  DG  A C6    1 
ATOM   208 O O6    . DG  A 1 10 ? -3.613  7.553   -0.258  1.00 27.38 ? 10  DG  A O6    1 
ATOM   209 N N1    . DG  A 1 10 ? -2.639  8.218   1.687   1.00 25.52 ? 10  DG  A N1    1 
ATOM   210 C C2    . DG  A 1 10 ? -2.669  8.608   3.003   1.00 26.15 ? 10  DG  A C2    1 
ATOM   211 N N2    . DG  A 1 10 ? -1.488  8.898   3.565   1.00 23.79 ? 10  DG  A N2    1 
ATOM   212 N N3    . DG  A 1 10 ? -3.774  8.705   3.715   1.00 27.49 ? 10  DG  A N3    1 
ATOM   213 C C4    . DG  A 1 10 ? -4.868  8.367   2.999   1.00 29.29 ? 10  DG  A C4    1 
ATOM   214 P P     . DC  A 1 11 ? -8.167  13.207  4.500   1.00 32.45 ? 11  DC  A P     1 
ATOM   215 O OP1   . DC  A 1 11 ? -8.709  14.301  5.341   1.00 32.46 ? 11  DC  A OP1   1 
ATOM   216 O OP2   . DC  A 1 11 ? -8.708  12.992  3.137   1.00 32.84 ? 11  DC  A OP2   1 
ATOM   217 O "O5'" . DC  A 1 11 ? -6.586  13.382  4.389   1.00 29.41 ? 11  DC  A "O5'" 1 
ATOM   218 C "C5'" . DC  A 1 11 ? -5.796  13.638  5.552   1.00 24.85 ? 11  DC  A "C5'" 1 
ATOM   219 C "C4'" . DC  A 1 11 ? -4.326  13.662  5.202   1.00 22.80 ? 11  DC  A "C4'" 1 
ATOM   220 O "O4'" . DC  A 1 11 ? -3.936  12.373  4.676   1.00 22.59 ? 11  DC  A "O4'" 1 
ATOM   221 C "C3'" . DC  A 1 11 ? -3.932  14.639  4.096   1.00 21.43 ? 11  DC  A "C3'" 1 
ATOM   222 O "O3'" . DC  A 1 11 ? -3.681  15.939  4.631   1.00 19.65 ? 11  DC  A "O3'" 1 
ATOM   223 C "C2'" . DC  A 1 11 ? -2.642  14.026  3.592   1.00 19.90 ? 11  DC  A "C2'" 1 
ATOM   224 C "C1'" . DC  A 1 11 ? -2.937  12.539  3.675   1.00 22.16 ? 11  DC  A "C1'" 1 
ATOM   225 N N1    . DC  A 1 11 ? -3.413  11.981  2.399   1.00 21.09 ? 11  DC  A N1    1 
ATOM   226 C C2    . DC  A 1 11 ? -2.463  11.639  1.434   1.00 20.83 ? 11  DC  A C2    1 
ATOM   227 O O2    . DC  A 1 11 ? -1.258  11.815  1.692   1.00 19.17 ? 11  DC  A O2    1 
ATOM   228 N N3    . DC  A 1 11 ? -2.872  11.130  0.248   1.00 19.21 ? 11  DC  A N3    1 
ATOM   229 C C4    . DC  A 1 11 ? -4.170  10.961  0.007   1.00 22.55 ? 11  DC  A C4    1 
ATOM   230 N N4    . DC  A 1 11 ? -4.521  10.455  -1.179  1.00 20.69 ? 11  DC  A N4    1 
ATOM   231 C C5    . DC  A 1 11 ? -5.170  11.303  0.974   1.00 21.31 ? 11  DC  A C5    1 
ATOM   232 C C6    . DC  A 1 11 ? -4.747  11.807  2.147   1.00 22.46 ? 11  DC  A C6    1 
ATOM   233 P P     . DT  A 1 12 ? -3.526  17.193  3.638   1.00 21.41 ? 12  DT  A P     1 
ATOM   234 O OP1   . DT  A 1 12 ? -3.460  18.410  4.479   1.00 19.55 ? 12  DT  A OP1   1 
ATOM   235 O OP2   . DT  A 1 12 ? -4.557  17.099  2.576   1.00 21.33 ? 12  DT  A OP2   1 
ATOM   236 O "O5'" . DT  A 1 12 ? -2.109  16.956  2.952   1.00 19.85 ? 12  DT  A "O5'" 1 
ATOM   237 C "C5'" . DT  A 1 12 ? -0.903  17.011  3.714   1.00 23.79 ? 12  DT  A "C5'" 1 
ATOM   238 C "C4'" . DT  A 1 12 ? 0.288   16.801  2.811   1.00 24.95 ? 12  DT  A "C4'" 1 
ATOM   239 O "O4'" . DT  A 1 12 ? 0.185   15.490  2.219   1.00 25.35 ? 12  DT  A "O4'" 1 
ATOM   240 C "C3'" . DT  A 1 12 ? 0.329   17.751  1.619   1.00 27.32 ? 12  DT  A "C3'" 1 
ATOM   241 O "O3'" . DT  A 1 12 ? 0.939   19.002  1.936   1.00 28.12 ? 12  DT  A "O3'" 1 
ATOM   242 C "C2'" . DT  A 1 12 ? 1.063   16.956  0.559   1.00 26.66 ? 12  DT  A "C2'" 1 
ATOM   243 C "C1'" . DT  A 1 12 ? 0.688   15.516  0.883   1.00 26.10 ? 12  DT  A "C1'" 1 
ATOM   244 N N1    . DT  A 1 12 ? -0.344  14.970  -0.017  1.00 23.45 ? 12  DT  A N1    1 
ATOM   245 C C2    . DT  A 1 12 ? 0.078   14.298  -1.139  1.00 23.68 ? 12  DT  A C2    1 
ATOM   246 O O2    . DT  A 1 12 ? 1.256   14.141  -1.415  1.00 22.42 ? 12  DT  A O2    1 
ATOM   247 N N3    . DT  A 1 12 ? -0.935  13.808  -1.929  1.00 21.73 ? 12  DT  A N3    1 
ATOM   248 C C4    . DT  A 1 12 ? -2.293  13.920  -1.708  1.00 21.73 ? 12  DT  A C4    1 
ATOM   249 O O4    . DT  A 1 12 ? -3.086  13.411  -2.500  1.00 22.07 ? 12  DT  A O4    1 
ATOM   250 C C5    . DT  A 1 12 ? -2.665  14.650  -0.514  1.00 22.03 ? 12  DT  A C5    1 
ATOM   251 C C7    . DT  A 1 12 ? -4.115  14.841  -0.200  1.00 20.43 ? 12  DT  A C7    1 
ATOM   252 C C6    . DT  A 1 12 ? -1.683  15.129  0.263   1.00 22.83 ? 12  DT  A C6    1 
ATOM   253 O "O5'" . DT  B 2 1  ? -3.984  10.560  -12.948 1.00 28.69 ? 13  DT  B "O5'" 1 
ATOM   254 C "C5'" . DT  B 2 1  ? -3.149  10.923  -14.045 1.00 26.10 ? 13  DT  B "C5'" 1 
ATOM   255 C "C4'" . DT  B 2 1  ? -1.908  11.643  -13.577 1.00 27.17 ? 13  DT  B "C4'" 1 
ATOM   256 O "O4'" . DT  B 2 1  ? -2.279  12.879  -12.924 1.00 26.15 ? 13  DT  B "O4'" 1 
ATOM   257 C "C3'" . DT  B 2 1  ? -1.145  10.898  -12.491 1.00 28.70 ? 13  DT  B "C3'" 1 
ATOM   258 O "O3'" . DT  B 2 1  ? -0.267  9.930   -13.052 1.00 29.46 ? 13  DT  B "O3'" 1 
ATOM   259 C "C2'" . DT  B 2 1  ? -0.369  12.012  -11.821 1.00 27.44 ? 13  DT  B "C2'" 1 
ATOM   260 C "C1'" . DT  B 2 1  ? -1.355  13.170  -11.873 1.00 26.52 ? 13  DT  B "C1'" 1 
ATOM   261 N N1    . DT  B 2 1  ? -2.096  13.359  -10.605 1.00 25.36 ? 13  DT  B N1    1 
ATOM   262 C C2    . DT  B 2 1  ? -1.463  14.038  -9.579  1.00 23.59 ? 13  DT  B C2    1 
ATOM   263 O O2    . DT  B 2 1  ? -0.327  14.470  -9.660  1.00 21.84 ? 13  DT  B O2    1 
ATOM   264 N N3    . DT  B 2 1  ? -2.214  14.186  -8.446  1.00 23.70 ? 13  DT  B N3    1 
ATOM   265 C C4    . DT  B 2 1  ? -3.497  13.729  -8.228  1.00 24.34 ? 13  DT  B C4    1 
ATOM   266 O O4    . DT  B 2 1  ? -4.044  13.944  -7.152  1.00 23.84 ? 13  DT  B O4    1 
ATOM   267 C C5    . DT  B 2 1  ? -4.096  13.013  -9.336  1.00 24.11 ? 13  DT  B C5    1 
ATOM   268 C C7    . DT  B 2 1  ? -5.483  12.470  -9.186  1.00 25.06 ? 13  DT  B C7    1 
ATOM   269 C C6    . DT  B 2 1  ? -3.374  12.870  -10.454 1.00 24.73 ? 13  DT  B C6    1 
ATOM   270 P P     . DA  B 2 2  ? 0.098   8.618   -12.201 1.00 31.42 ? 14  DA  B P     1 
ATOM   271 O OP1   . DA  B 2 2  ? 0.814   7.673   -13.095 1.00 30.04 ? 14  DA  B OP1   1 
ATOM   272 O OP2   . DA  B 2 2  ? -1.152  8.189   -11.517 1.00 28.34 ? 14  DA  B OP2   1 
ATOM   273 O "O5'" . DA  B 2 2  ? 1.127   9.158   -11.117 1.00 28.83 ? 14  DA  B "O5'" 1 
ATOM   274 C "C5'" . DA  B 2 2  ? 2.403   9.644   -11.521 1.00 30.25 ? 14  DA  B "C5'" 1 
ATOM   275 C "C4'" . DA  B 2 2  ? 3.184   10.117  -10.321 1.00 32.26 ? 14  DA  B "C4'" 1 
ATOM   276 O "O4'" . DA  B 2 2  ? 2.545   11.285  -9.769  1.00 31.60 ? 14  DA  B "O4'" 1 
ATOM   277 C "C3'" . DA  B 2 2  ? 3.224   9.116   -9.173  1.00 33.97 ? 14  DA  B "C3'" 1 
ATOM   278 O "O3'" . DA  B 2 2  ? 4.356   8.263   -9.321  1.00 37.00 ? 14  DA  B "O3'" 1 
ATOM   279 C "C2'" . DA  B 2 2  ? 3.404   10.011  -7.962  1.00 33.82 ? 14  DA  B "C2'" 1 
ATOM   280 C "C1'" . DA  B 2 2  ? 2.697   11.301  -8.356  1.00 30.52 ? 14  DA  B "C1'" 1 
ATOM   281 N N9    . DA  B 2 2  ? 1.366   11.418  -7.768  1.00 27.81 ? 14  DA  B N9    1 
ATOM   282 C C8    . DA  B 2 2  ? 0.164   11.028  -8.301  1.00 25.33 ? 14  DA  B C8    1 
ATOM   283 N N7    . DA  B 2 2  ? -0.860  11.260  -7.520  1.00 26.42 ? 14  DA  B N7    1 
ATOM   284 C C5    . DA  B 2 2  ? -0.293  11.843  -6.395  1.00 25.44 ? 14  DA  B C5    1 
ATOM   285 C C6    . DA  B 2 2  ? -0.848  12.325  -5.197  1.00 23.68 ? 14  DA  B C6    1 
ATOM   286 N N6    . DA  B 2 2  ? -2.152  12.303  -4.928  1.00 20.00 ? 14  DA  B N6    1 
ATOM   287 N N1    . DA  B 2 2  ? -0.003  12.844  -4.276  1.00 23.27 ? 14  DA  B N1    1 
ATOM   288 C C2    . DA  B 2 2  ? 1.304   12.884  -4.557  1.00 23.19 ? 14  DA  B C2    1 
ATOM   289 N N3    . DA  B 2 2  ? 1.944   12.470  -5.649  1.00 24.71 ? 14  DA  B N3    1 
ATOM   290 C C4    . DA  B 2 2  ? 1.078   11.950  -6.537  1.00 26.62 ? 14  DA  B C4    1 
ATOM   291 P P     . DG  B 2 3  ? 4.448   6.904   -8.468  1.00 39.79 ? 15  DG  B P     1 
ATOM   292 O OP1   . DG  B 2 3  ? 5.726   6.250   -8.850  1.00 39.52 ? 15  DG  B OP1   1 
ATOM   293 O OP2   . DG  B 2 3  ? 3.165   6.170   -8.622  1.00 38.38 ? 15  DG  B OP2   1 
ATOM   294 O "O5'" . DG  B 2 3  ? 4.547   7.389   -6.954  1.00 37.50 ? 15  DG  B "O5'" 1 
ATOM   295 C "C5'" . DG  B 2 3  ? 5.667   8.135   -6.486  1.00 36.76 ? 15  DG  B "C5'" 1 
ATOM   296 C "C4'" . DG  B 2 3  ? 5.459   8.531   -5.043  1.00 35.99 ? 15  DG  B "C4'" 1 
ATOM   297 O "O4'" . DG  B 2 3  ? 4.273   9.356   -4.974  1.00 34.38 ? 15  DG  B "O4'" 1 
ATOM   298 C "C3'" . DG  B 2 3  ? 5.184   7.348   -4.111  1.00 36.83 ? 15  DG  B "C3'" 1 
ATOM   299 O "O3'" . DG  B 2 3  ? 6.317   7.046   -3.287  1.00 38.23 ? 15  DG  B "O3'" 1 
ATOM   300 C "C2'" . DG  B 2 3  ? 4.027   7.778   -3.231  1.00 35.46 ? 15  DG  B "C2'" 1 
ATOM   301 C "C1'" . DG  B 2 3  ? 3.641   9.167   -3.721  1.00 33.83 ? 15  DG  B "C1'" 1 
ATOM   302 N N9    . DG  B 2 3  ? 2.193   9.266   -3.860  1.00 31.10 ? 15  DG  B N9    1 
ATOM   303 C C8    . DG  B 2 3  ? 1.408   8.784   -4.881  1.00 30.17 ? 15  DG  B C8    1 
ATOM   304 N N7    . DG  B 2 3  ? 0.129   8.938   -4.656  1.00 29.75 ? 15  DG  B N7    1 
ATOM   305 C C5    . DG  B 2 3  ? 0.073   9.581   -3.425  1.00 28.01 ? 15  DG  B C5    1 
ATOM   306 C C6    . DG  B 2 3  ? -1.039  10.000  -2.649  1.00 24.82 ? 15  DG  B C6    1 
ATOM   307 O O6    . DG  B 2 3  ? -2.240  9.867   -2.887  1.00 24.46 ? 15  DG  B O6    1 
ATOM   308 N N1    . DG  B 2 3  ? -0.634  10.624  -1.473  1.00 24.92 ? 15  DG  B N1    1 
ATOM   309 C C2    . DG  B 2 3  ? 0.667   10.814  -1.088  1.00 25.04 ? 15  DG  B C2    1 
ATOM   310 N N2    . DG  B 2 3  ? 0.860   11.451  0.073   1.00 23.52 ? 15  DG  B N2    1 
ATOM   311 N N3    . DG  B 2 3  ? 1.707   10.412  -1.791  1.00 27.37 ? 15  DG  B N3    1 
ATOM   312 C C4    . DG  B 2 3  ? 1.341   9.811   -2.938  1.00 28.38 ? 15  DG  B C4    1 
ATOM   313 P P     . DC  B 2 4  ? 6.329   5.691   -2.414  1.00 39.00 ? 16  DC  B P     1 
ATOM   314 O OP1   . DC  B 2 4  ? 7.673   5.075   -2.544  1.00 39.79 ? 16  DC  B OP1   1 
ATOM   315 O OP2   . DC  B 2 4  ? 5.123   4.908   -2.785  1.00 39.36 ? 16  DC  B OP2   1 
ATOM   316 O "O5'" . DC  B 2 4  ? 6.141   6.183   -0.908  1.00 38.82 ? 16  DC  B "O5'" 1 
ATOM   317 C "C5'" . DC  B 2 4  ? 5.209   7.208   -0.599  1.00 37.86 ? 16  DC  B "C5'" 1 
ATOM   318 C "C4'" . DC  B 2 4  ? 5.257   7.563   0.869   1.00 37.06 ? 16  DC  B "C4'" 1 
ATOM   319 O "O4'" . DC  B 2 4  ? 4.444   8.751   1.001   1.00 37.53 ? 16  DC  B "O4'" 1 
ATOM   320 C "C3'" . DC  B 2 4  ? 4.636   6.528   1.815   1.00 36.01 ? 16  DC  B "C3'" 1 
ATOM   321 O "O3'" . DC  B 2 4  ? 5.622   5.908   2.641   1.00 36.72 ? 16  DC  B "O3'" 1 
ATOM   322 C "C2'" . DC  B 2 4  ? 3.699   7.336   2.693   1.00 35.77 ? 16  DC  B "C2'" 1 
ATOM   323 C "C1'" . DC  B 2 4  ? 3.291   8.457   1.768   1.00 36.16 ? 16  DC  B "C1'" 1 
ATOM   324 N N1    . DC  B 2 4  ? 2.191   8.055   0.877   1.00 34.53 ? 16  DC  B N1    1 
ATOM   325 C C2    . DC  B 2 4  ? 0.884   8.265   1.308   1.00 33.94 ? 16  DC  B C2    1 
ATOM   326 O O2    . DC  B 2 4  ? 0.701   8.840   2.395   1.00 34.43 ? 16  DC  B O2    1 
ATOM   327 N N3    . DC  B 2 4  ? -0.144  7.845   0.537   1.00 32.82 ? 16  DC  B N3    1 
ATOM   328 C C4    . DC  B 2 4  ? 0.098   7.246   -0.631  1.00 31.89 ? 16  DC  B C4    1 
ATOM   329 N N4    . DC  B 2 4  ? -0.948  6.832   -1.349  1.00 32.53 ? 16  DC  B N4    1 
ATOM   330 C C5    . DC  B 2 4  ? 1.424   7.042   -1.110  1.00 32.41 ? 16  DC  B C5    1 
ATOM   331 C C6    . DC  B 2 4  ? 2.432   7.462   -0.332  1.00 33.15 ? 16  DC  B C6    1 
ATOM   332 P P     . DC  B 2 5  ? 5.234   4.595   3.490   1.00 34.68 ? 17  DC  B P     1 
ATOM   333 O OP1   . DC  B 2 5  ? 6.356   4.332   4.423   1.00 37.55 ? 17  DC  B OP1   1 
ATOM   334 O OP2   . DC  B 2 5  ? 4.800   3.542   2.552   1.00 33.49 ? 17  DC  B OP2   1 
ATOM   335 O "O5'" . DC  B 2 5  ? 3.971   5.045   4.348   1.00 33.14 ? 17  DC  B "O5'" 1 
ATOM   336 C "C5'" . DC  B 2 5  ? 4.140   5.833   5.524   1.00 32.09 ? 17  DC  B "C5'" 1 
ATOM   337 C "C4'" . DC  B 2 5  ? 2.847   5.898   6.302   1.00 31.05 ? 17  DC  B "C4'" 1 
ATOM   338 O "O4'" . DC  B 2 5  ? 1.875   6.660   5.553   1.00 29.58 ? 17  DC  B "O4'" 1 
ATOM   339 C "C3'" . DC  B 2 5  ? 2.159   4.552   6.511   1.00 32.51 ? 17  DC  B "C3'" 1 
ATOM   340 O "O3'" . DC  B 2 5  ? 2.692   3.866   7.641   1.00 32.96 ? 17  DC  B "O3'" 1 
ATOM   341 C "C2'" . DC  B 2 5  ? 0.731   4.987   6.773   1.00 29.60 ? 17  DC  B "C2'" 1 
ATOM   342 C "C1'" . DC  B 2 5  ? 0.569   6.139   5.794   1.00 28.87 ? 17  DC  B "C1'" 1 
ATOM   343 N N1    . DC  B 2 5  ? -0.007  5.723   4.506   1.00 26.96 ? 17  DC  B N1    1 
ATOM   344 C C2    . DC  B 2 5  ? -1.392  5.738   4.364   1.00 27.32 ? 17  DC  B C2    1 
ATOM   345 O O2    . DC  B 2 5  ? -2.091  6.072   5.336   1.00 29.23 ? 17  DC  B O2    1 
ATOM   346 N N3    . DC  B 2 5  ? -1.939  5.392   3.180   1.00 26.00 ? 17  DC  B N3    1 
ATOM   347 C C4    . DC  B 2 5  ? -1.158  5.046   2.157   1.00 23.87 ? 17  DC  B C4    1 
ATOM   348 N N4    . DC  B 2 5  ? -1.748  4.766   0.992   1.00 22.14 ? 17  DC  B N4    1 
ATOM   349 C C5    . DC  B 2 5  ? 0.259   4.988   2.281   1.00 23.88 ? 17  DC  B C5    1 
ATOM   350 C C6    . DC  B 2 5  ? 0.789   5.335   3.464   1.00 26.48 ? 17  DC  B C6    1 
ATOM   351 P P     . DC  B 2 6  ? 2.447   2.285   7.795   1.00 34.49 ? 18  DC  B P     1 
ATOM   352 O OP1   . DC  B 2 6  ? 3.171   1.829   9.016   1.00 35.28 ? 18  DC  B OP1   1 
ATOM   353 O OP2   . DC  B 2 6  ? 2.715   1.629   6.493   1.00 33.84 ? 18  DC  B OP2   1 
ATOM   354 O "O5'" . DC  B 2 6  ? 0.885   2.166   8.067   1.00 32.86 ? 18  DC  B "O5'" 1 
ATOM   355 C "C5'" . DC  B 2 6  ? 0.312   2.684   9.258   1.00 30.61 ? 18  DC  B "C5'" 1 
ATOM   356 C "C4'" . DC  B 2 6  ? -1.178  2.441   9.260   1.00 30.32 ? 18  DC  B "C4'" 1 
ATOM   357 O "O4'" . DC  B 2 6  ? -1.786  3.216   8.203   1.00 29.12 ? 18  DC  B "O4'" 1 
ATOM   358 C "C3'" . DC  B 2 6  ? -1.578  1.007   8.932   1.00 31.09 ? 18  DC  B "C3'" 1 
ATOM   359 O "O3'" . DC  B 2 6  ? -1.547  0.187   10.104  1.00 31.87 ? 18  DC  B "O3'" 1 
ATOM   360 C "C2'" . DC  B 2 6  ? -2.993  1.189   8.421   1.00 30.77 ? 18  DC  B "C2'" 1 
ATOM   361 C "C1'" . DC  B 2 6  ? -2.906  2.514   7.671   1.00 29.98 ? 18  DC  B "C1'" 1 
ATOM   362 N N1    . DC  B 2 6  ? -2.707  2.347   6.220   1.00 27.86 ? 18  DC  B N1    1 
ATOM   363 C C2    . DC  B 2 6  ? -3.829  2.183   5.409   1.00 26.65 ? 18  DC  B C2    1 
ATOM   364 O O2    . DC  B 2 6  ? -4.952  2.180   5.935   1.00 27.44 ? 18  DC  B O2    1 
ATOM   365 N N3    . DC  B 2 6  ? -3.667  2.025   4.077   1.00 26.59 ? 18  DC  B N3    1 
ATOM   366 C C4    . DC  B 2 6  ? -2.440  2.020   3.549   1.00 26.18 ? 18  DC  B C4    1 
ATOM   367 N N4    . DC  B 2 6  ? -2.330  1.863   2.226   1.00 20.22 ? 18  DC  B N4    1 
ATOM   368 C C5    . DC  B 2 6  ? -1.273  2.178   4.354   1.00 26.95 ? 18  DC  B C5    1 
ATOM   369 C C6    . DC  B 2 6  ? -1.453  2.341   5.674   1.00 26.94 ? 18  DC  B C6    1 
ATOM   370 P P     . DC  B 2 7  ? -1.414  -1.406  9.950   1.00 32.91 ? 19  DC  B P     1 
ATOM   371 O OP1   . DC  B 2 7  ? -1.275  -1.997  11.301  1.00 35.99 ? 19  DC  B OP1   1 
ATOM   372 O OP2   . DC  B 2 7  ? -0.380  -1.684  8.920   1.00 33.36 ? 19  DC  B OP2   1 
ATOM   373 O "O5'" . DC  B 2 7  ? -2.833  -1.832  9.372   1.00 32.43 ? 19  DC  B "O5'" 1 
ATOM   374 C "C5'" . DC  B 2 7  ? -3.993  -1.749  10.191  1.00 32.86 ? 19  DC  B "C5'" 1 
ATOM   375 C "C4'" . DC  B 2 7  ? -5.189  -2.301  9.456   1.00 31.90 ? 19  DC  B "C4'" 1 
ATOM   376 O "O4'" . DC  B 2 7  ? -5.595  -1.383  8.418   1.00 30.62 ? 19  DC  B "O4'" 1 
ATOM   377 C "C3'" . DC  B 2 7  ? -4.923  -3.599  8.702   1.00 32.80 ? 19  DC  B "C3'" 1 
ATOM   378 O "O3'" . DC  B 2 7  ? -4.992  -4.732  9.567   1.00 33.99 ? 19  DC  B "O3'" 1 
ATOM   379 C "C2'" . DC  B 2 7  ? -6.073  -3.583  7.717   1.00 31.15 ? 19  DC  B "C2'" 1 
ATOM   380 C "C1'" . DC  B 2 7  ? -6.091  -2.121  7.302   1.00 30.44 ? 19  DC  B "C1'" 1 
ATOM   381 N N1    . DC  B 2 7  ? -5.240  -1.873  6.126   1.00 27.87 ? 19  DC  B N1    1 
ATOM   382 C C2    . DC  B 2 7  ? -5.760  -2.158  4.865   1.00 26.86 ? 19  DC  B C2    1 
ATOM   383 O O2    . DC  B 2 7  ? -6.917  -2.594  4.784   1.00 25.38 ? 19  DC  B O2    1 
ATOM   384 N N3    . DC  B 2 7  ? -4.993  -1.957  3.767   1.00 27.43 ? 19  DC  B N3    1 
ATOM   385 C C4    . DC  B 2 7  ? -3.746  -1.495  3.897   1.00 26.49 ? 19  DC  B C4    1 
ATOM   386 N N4    . DC  B 2 7  ? -3.029  -1.320  2.785   1.00 23.82 ? 19  DC  B N4    1 
ATOM   387 C C5    . DC  B 2 7  ? -3.185  -1.194  5.174   1.00 27.61 ? 19  DC  B C5    1 
ATOM   388 C C6    . DC  B 2 7  ? -3.963  -1.391  6.254   1.00 27.48 ? 19  DC  B C6    1 
ATOM   389 P P     . DG  B 2 8  ? -4.306  -6.110  9.117   1.00 34.86 ? 20  DG  B P     1 
ATOM   390 O OP1   . DG  B 2 8  ? -4.472  -7.085  10.226  1.00 35.59 ? 20  DG  B OP1   1 
ATOM   391 O OP2   . DG  B 2 8  ? -2.943  -5.806  8.604   1.00 34.78 ? 20  DG  B OP2   1 
ATOM   392 O "O5'" . DG  B 2 8  ? -5.197  -6.581  7.884   1.00 33.25 ? 20  DG  B "O5'" 1 
ATOM   393 C "C5'" . DG  B 2 8  ? -6.583  -6.858  8.055   1.00 31.63 ? 20  DG  B "C5'" 1 
ATOM   394 C "C4'" . DG  B 2 8  ? -7.173  -7.366  6.762   1.00 31.72 ? 20  DG  B "C4'" 1 
ATOM   395 O "O4'" . DG  B 2 8  ? -7.222  -6.293  5.795   1.00 29.97 ? 20  DG  B "O4'" 1 
ATOM   396 C "C3'" . DG  B 2 8  ? -6.338  -8.447  6.086   1.00 32.85 ? 20  DG  B "C3'" 1 
ATOM   397 O "O3'" . DG  B 2 8  ? -6.672  -9.740  6.594   1.00 34.02 ? 20  DG  B "O3'" 1 
ATOM   398 C "C2'" . DG  B 2 8  ? -6.754  -8.307  4.636   1.00 30.58 ? 20  DG  B "C2'" 1 
ATOM   399 C "C1'" . DG  B 2 8  ? -6.955  -6.803  4.495   1.00 30.16 ? 20  DG  B "C1'" 1 
ATOM   400 N N9    . DG  B 2 8  ? -5.782  -6.124  3.950   1.00 27.79 ? 20  DG  B N9    1 
ATOM   401 C C8    . DG  B 2 8  ? -4.727  -5.573  4.639   1.00 26.84 ? 20  DG  B C8    1 
ATOM   402 N N7    . DG  B 2 8  ? -3.826  -5.045  3.855   1.00 26.89 ? 20  DG  B N7    1 
ATOM   403 C C5    . DG  B 2 8  ? -4.318  -5.261  2.573   1.00 24.97 ? 20  DG  B C5    1 
ATOM   404 C C6    . DG  B 2 8  ? -3.781  -4.905  1.304   1.00 23.45 ? 20  DG  B C6    1 
ATOM   405 O O6    . DG  B 2 8  ? -2.725  -4.306  1.053   1.00 19.99 ? 20  DG  B O6    1 
ATOM   406 N N1    . DG  B 2 8  ? -4.612  -5.322  0.261   1.00 20.88 ? 20  DG  B N1    1 
ATOM   407 C C2    . DG  B 2 8  ? -5.803  -5.997  0.421   1.00 24.65 ? 20  DG  B C2    1 
ATOM   408 N N2    . DG  B 2 8  ? -6.460  -6.337  -0.700  1.00 22.41 ? 20  DG  B N2    1 
ATOM   409 N N3    . DG  B 2 8  ? -6.313  -6.323  1.598   1.00 22.31 ? 20  DG  B N3    1 
ATOM   410 C C4    . DG  B 2 8  ? -5.525  -5.928  2.619   1.00 25.70 ? 20  DG  B C4    1 
ATOM   411 P P     . DC  B 2 9  ? -5.526  -10.854 6.725   1.00 35.08 ? 21  DC  B P     1 
ATOM   412 O OP1   . DC  B 2 9  ? -6.050  -11.964 7.561   1.00 36.08 ? 21  DC  B OP1   1 
ATOM   413 O OP2   . DC  B 2 9  ? -4.260  -10.178 7.106   1.00 35.51 ? 21  DC  B OP2   1 
ATOM   414 O "O5'" . DC  B 2 9  ? -5.353  -11.385 5.236   1.00 36.09 ? 21  DC  B "O5'" 1 
ATOM   415 C "C5'" . DC  B 2 9  ? -6.471  -11.879 4.510   1.00 34.31 ? 21  DC  B "C5'" 1 
ATOM   416 C "C4'" . DC  B 2 9  ? -6.169  -11.878 3.031   1.00 34.13 ? 21  DC  B "C4'" 1 
ATOM   417 O "O4'" . DC  B 2 9  ? -6.001  -10.518 2.575   1.00 33.34 ? 21  DC  B "O4'" 1 
ATOM   418 C "C3'" . DC  B 2 9  ? -4.841  -12.525 2.662   1.00 33.64 ? 21  DC  B "C3'" 1 
ATOM   419 O "O3'" . DC  B 2 9  ? -4.982  -13.938 2.543   1.00 34.20 ? 21  DC  B "O3'" 1 
ATOM   420 C "C2'" . DC  B 2 9  ? -4.556  -11.904 1.309   1.00 32.60 ? 21  DC  B "C2'" 1 
ATOM   421 C "C1'" . DC  B 2 9  ? -5.117  -10.498 1.459   1.00 31.08 ? 21  DC  B "C1'" 1 
ATOM   422 N N1    . DC  B 2 9  ? -4.068  -9.501  1.700   1.00 27.40 ? 21  DC  B N1    1 
ATOM   423 C C2    . DC  B 2 9  ? -3.526  -8.837  0.602   1.00 26.29 ? 21  DC  B C2    1 
ATOM   424 O O2    . DC  B 2 9  ? -3.961  -9.111  -0.529  1.00 23.03 ? 21  DC  B O2    1 
ATOM   425 N N3    . DC  B 2 9  ? -2.544  -7.923  0.798   1.00 24.07 ? 21  DC  B N3    1 
ATOM   426 C C4    . DC  B 2 9  ? -2.100  -7.677  2.034   1.00 23.69 ? 21  DC  B C4    1 
ATOM   427 N N4    . DC  B 2 9  ? -1.120  -6.781  2.182   1.00 21.26 ? 21  DC  B N4    1 
ATOM   428 C C5    . DC  B 2 9  ? -2.640  -8.343  3.174   1.00 24.16 ? 21  DC  B C5    1 
ATOM   429 C C6    . DC  B 2 9  ? -3.616  -9.235  2.963   1.00 25.76 ? 21  DC  B C6    1 
ATOM   430 P P     . DC  B 2 10 ? -3.675  -14.841 2.350   1.00 35.82 ? 22  DC  B P     1 
ATOM   431 O OP1   . DC  B 2 10 ? -4.090  -16.264 2.273   1.00 36.27 ? 22  DC  B OP1   1 
ATOM   432 O OP2   . DC  B 2 10 ? -2.670  -14.423 3.361   1.00 34.27 ? 22  DC  B OP2   1 
ATOM   433 O "O5'" . DC  B 2 10 ? -3.165  -14.388 0.913   1.00 33.29 ? 22  DC  B "O5'" 1 
ATOM   434 C "C5'" . DC  B 2 10 ? -1.790  -14.395 0.592   1.00 29.13 ? 22  DC  B "C5'" 1 
ATOM   435 C "C4'" . DC  B 2 10 ? -1.591  -13.952 -0.837  1.00 26.86 ? 22  DC  B "C4'" 1 
ATOM   436 O "O4'" . DC  B 2 10 ? -1.938  -12.550 -0.976  1.00 24.25 ? 22  DC  B "O4'" 1 
ATOM   437 C "C3'" . DC  B 2 10 ? -0.135  -14.043 -1.264  1.00 25.50 ? 22  DC  B "C3'" 1 
ATOM   438 O "O3'" . DC  B 2 10 ? 0.103   -15.319 -1.848  1.00 24.89 ? 22  DC  B "O3'" 1 
ATOM   439 C "C2'" . DC  B 2 10 ? -0.003  -12.922 -2.275  1.00 24.29 ? 22  DC  B "C2'" 1 
ATOM   440 C "C1'" . DC  B 2 10 ? -0.924  -11.861 -1.698  1.00 22.29 ? 22  DC  B "C1'" 1 
ATOM   441 N N1    . DC  B 2 10 ? -0.237  -10.926 -0.790  1.00 22.61 ? 22  DC  B N1    1 
ATOM   442 C C2    . DC  B 2 10 ? 0.544   -9.911  -1.350  1.00 21.56 ? 22  DC  B C2    1 
ATOM   443 O O2    . DC  B 2 10 ? 0.641   -9.846  -2.587  1.00 22.69 ? 22  DC  B O2    1 
ATOM   444 N N3    . DC  B 2 10 ? 1.180   -9.033  -0.532  1.00 20.53 ? 22  DC  B N3    1 
ATOM   445 C C4    . DC  B 2 10 ? 1.066   -9.156  0.795   1.00 22.74 ? 22  DC  B C4    1 
ATOM   446 N N4    . DC  B 2 10 ? 1.719   -8.278  1.564   1.00 22.82 ? 22  DC  B N4    1 
ATOM   447 C C5    . DC  B 2 10 ? 0.277   -10.187 1.392   1.00 20.14 ? 22  DC  B C5    1 
ATOM   448 C C6    . DC  B 2 10 ? -0.351  -11.040 0.570   1.00 19.44 ? 22  DC  B C6    1 
ATOM   449 P P     . DC  B 2 11 ? 1.516   -16.035 -1.635  1.00 24.74 ? 23  DC  B P     1 
ATOM   450 O OP1   . DC  B 2 11 ? 1.374   -17.450 -2.068  1.00 24.49 ? 23  DC  B OP1   1 
ATOM   451 O OP2   . DC  B 2 11 ? 1.960   -15.735 -0.253  1.00 23.60 ? 23  DC  B OP2   1 
ATOM   452 O "O5'" . DC  B 2 11 ? 2.469   -15.277 -2.667  1.00 23.20 ? 23  DC  B "O5'" 1 
ATOM   453 C "C5'" . DC  B 2 11 ? 2.068   -15.104 -4.031  1.00 24.45 ? 23  DC  B "C5'" 1 
ATOM   454 C "C4'" . DC  B 2 11 ? 3.095   -14.301 -4.795  1.00 23.06 ? 23  DC  B "C4'" 1 
ATOM   455 O "O4'" . DC  B 2 11 ? 3.128   -12.945 -4.294  1.00 23.63 ? 23  DC  B "O4'" 1 
ATOM   456 C "C3'" . DC  B 2 11 ? 4.522   -14.838 -4.711  1.00 25.62 ? 23  DC  B "C3'" 1 
ATOM   457 O "O3'" . DC  B 2 11 ? 5.104   -14.944 -6.008  1.00 27.59 ? 23  DC  B "O3'" 1 
ATOM   458 C "C2'" . DC  B 2 11 ? 5.277   -13.822 -3.879  1.00 24.88 ? 23  DC  B "C2'" 1 
ATOM   459 C "C1'" . DC  B 2 11 ? 4.465   -12.548 -4.035  1.00 23.72 ? 23  DC  B "C1'" 1 
ATOM   460 N N1    . DC  B 2 11 ? 4.473   -11.741 -2.808  1.00 21.41 ? 23  DC  B N1    1 
ATOM   461 C C2    . DC  B 2 11 ? 5.207   -10.551 -2.793  1.00 21.48 ? 23  DC  B C2    1 
ATOM   462 O O2    . DC  B 2 11 ? 5.799   -10.194 -3.828  1.00 19.24 ? 23  DC  B O2    1 
ATOM   463 N N3    . DC  B 2 11 ? 5.252   -9.819  -1.655  1.00 21.02 ? 23  DC  B N3    1 
ATOM   464 C C4    . DC  B 2 11 ? 4.596   -10.229 -0.567  1.00 20.68 ? 23  DC  B C4    1 
ATOM   465 N N4    . DC  B 2 11 ? 4.682   -9.477  0.532   1.00 20.26 ? 23  DC  B N4    1 
ATOM   466 C C5    . DC  B 2 11 ? 3.826   -11.431 -0.560  1.00 21.52 ? 23  DC  B C5    1 
ATOM   467 C C6    . DC  B 2 11 ? 3.790   -12.148 -1.693  1.00 21.79 ? 23  DC  B C6    1 
ATOM   468 P P     . DC  B 2 12 ? 6.480   -15.753 -6.195  1.00 31.66 ? 24  DC  B P     1 
ATOM   469 O OP1   . DC  B 2 12 ? 6.605   -16.148 -7.624  1.00 30.57 ? 24  DC  B OP1   1 
ATOM   470 O OP2   . DC  B 2 12 ? 6.524   -16.791 -5.135  1.00 32.21 ? 24  DC  B OP2   1 
ATOM   471 O "O5'" . DC  B 2 12 ? 7.609   -14.683 -5.855  1.00 30.52 ? 24  DC  B "O5'" 1 
ATOM   472 C "C5'" . DC  B 2 12 ? 7.994   -13.694 -6.805  1.00 28.25 ? 24  DC  B "C5'" 1 
ATOM   473 C "C4'" . DC  B 2 12 ? 9.067   -12.810 -6.217  1.00 26.32 ? 24  DC  B "C4'" 1 
ATOM   474 O "O4'" . DC  B 2 12 ? 8.528   -12.041 -5.128  1.00 25.95 ? 24  DC  B "O4'" 1 
ATOM   475 C "C3'" . DC  B 2 12 ? 10.210  -13.584 -5.574  1.00 26.85 ? 24  DC  B "C3'" 1 
ATOM   476 O "O3'" . DC  B 2 12 ? 11.157  -13.958 -6.573  1.00 28.10 ? 24  DC  B "O3'" 1 
ATOM   477 C "C2'" . DC  B 2 12 ? 10.714  -12.674 -4.465  1.00 26.70 ? 24  DC  B "C2'" 1 
ATOM   478 C "C1'" . DC  B 2 12 ? 9.594   -11.654 -4.274  1.00 25.14 ? 24  DC  B "C1'" 1 
ATOM   479 N N1    . DC  B 2 12 ? 9.085   -11.563 -2.896  1.00 23.48 ? 24  DC  B N1    1 
ATOM   480 C C2    . DC  B 2 12 ? 9.576   -10.549 -2.079  1.00 22.77 ? 24  DC  B C2    1 
ATOM   481 O O2    . DC  B 2 12 ? 10.429  -9.774  -2.535  1.00 23.66 ? 24  DC  B O2    1 
ATOM   482 N N3    . DC  B 2 12 ? 9.117   -10.432 -0.815  1.00 22.22 ? 24  DC  B N3    1 
ATOM   483 C C4    . DC  B 2 12 ? 8.204   -11.287 -0.354  1.00 21.98 ? 24  DC  B C4    1 
ATOM   484 N N4    . DC  B 2 12 ? 7.773   -11.115 0.908   1.00 19.75 ? 24  DC  B N4    1 
ATOM   485 C C5    . DC  B 2 12 ? 7.690   -12.347 -1.160  1.00 22.32 ? 24  DC  B C5    1 
ATOM   486 C C6    . DC  B 2 12 ? 8.155   -12.444 -2.418  1.00 21.81 ? 24  DC  B C6    1 
HETATM 487 O O     . HOH C 3 .  ? 13.774  -5.267  -0.996  1.00 21.95 ? 101 HOH A O     1 
HETATM 488 O O     . HOH C 3 .  ? -3.604  -0.037  -1.813  1.00 38.16 ? 104 HOH A O     1 
HETATM 489 O O     . HOH C 3 .  ? -0.268  -0.751  -1.836  1.00 29.58 ? 105 HOH A O     1 
HETATM 490 O O     . HOH C 3 .  ? 1.769   -2.739  -0.795  1.00 25.16 ? 106 HOH A O     1 
HETATM 491 O O     . HOH C 3 .  ? 5.436   -5.044  2.162   1.00 46.37 ? 109 HOH A O     1 
HETATM 492 O O     . HOH C 3 .  ? 6.041   -7.377  3.673   1.00 40.26 ? 110 HOH A O     1 
HETATM 493 O O     . HOH C 3 .  ? 5.394   0.573   -8.837  1.00 31.24 ? 111 HOH A O     1 
HETATM 494 O O     . HOH C 3 .  ? 3.860   1.961   -10.733 1.00 34.86 ? 112 HOH A O     1 
HETATM 495 O O     . HOH C 3 .  ? 5.755   2.651   -5.542  1.00 44.16 ? 113 HOH A O     1 
HETATM 496 O O     . HOH C 3 .  ? -5.589  12.916  -3.155  1.00 28.57 ? 115 HOH A O     1 
HETATM 497 O O     . HOH C 3 .  ? 0.904   12.186  3.824   1.00 42.10 ? 116 HOH A O     1 
HETATM 498 O O     . HOH C 3 .  ? 15.286  -4.659  -3.470  1.00 31.81 ? 118 HOH A O     1 
HETATM 499 O O     . HOH C 3 .  ? 2.039   -4.339  1.762   1.00 49.44 ? 121 HOH A O     1 
HETATM 500 O O     . HOH C 3 .  ? 3.995   -0.572  -2.448  1.00 43.13 ? 122 HOH A O     1 
HETATM 501 O O     . HOH C 3 .  ? 3.167   21.155  3.126   1.00 47.24 ? 123 HOH A O     1 
HETATM 502 O O     . HOH C 3 .  ? 7.617   -2.900  2.794   1.00 33.92 ? 124 HOH A O     1 
HETATM 503 O O     . HOH C 3 .  ? 8.467   1.061   -8.136  1.00 31.56 ? 125 HOH A O     1 
HETATM 504 O O     . HOH C 3 .  ? -3.174  -0.037  -5.810  1.00 45.16 ? 126 HOH A O     1 
HETATM 505 O O     . HOH D 3 .  ? 4.879   -15.529 0.088   1.00 31.64 ? 102 HOH B O     1 
HETATM 506 O O     . HOH D 3 .  ? -2.822  -15.674 6.345   1.00 47.49 ? 103 HOH B O     1 
HETATM 507 O O     . HOH D 3 .  ? 0.345   1.419   1.211   1.00 25.29 ? 107 HOH B O     1 
HETATM 508 O O     . HOH D 3 .  ? -0.203  -0.714  2.957   1.00 42.10 ? 108 HOH B O     1 
HETATM 509 O O     . HOH D 3 .  ? -3.257  9.641   -7.707  1.00 49.87 ? 114 HOH B O     1 
HETATM 510 O O     . HOH D 3 .  ? -6.419  2.289   8.599   1.00 35.11 ? 117 HOH B O     1 
HETATM 511 O O     . HOH D 3 .  ? 6.041   -13.213 1.899   1.00 32.63 ? 119 HOH B O     1 
HETATM 512 O O     . HOH D 3 .  ? -0.541  -3.469  2.100   1.00 47.83 ? 120 HOH B O     1 
HETATM 513 O O     . HOH D 3 .  ? -0.958  -5.747  4.675   1.00 49.49 ? 127 HOH B O     1 
HETATM 514 O O     . HOH D 3 .  ? 2.499   -8.619  4.375   1.00 42.01 ? 128 HOH B O     1 
HETATM 515 O O     . HOH D 3 .  ? -1.102  -3.264  4.805   1.00 57.79 ? 129 HOH B O     1 
HETATM 516 O O     . HOH D 3 .  ? -0.489  5.152   -3.701  1.00 32.01 ? 130 HOH B O     1 
# 
